data_4AEO
#
_entry.id   4AEO
#
_cell.length_a   67.180
_cell.length_b   105.320
_cell.length_c   106.800
_cell.angle_alpha   90.00
_cell.angle_beta   90.00
_cell.angle_gamma   90.00
#
_symmetry.space_group_name_H-M   'P 21 21 21'
#
loop_
_entity.id
_entity.type
_entity.pdbx_description
1 polymer 'XENOBIOTIC REDUCTASE B'
2 non-polymer 'FLAVIN MONONUCLEOTIDE'
3 non-polymer GLYCEROL
4 non-polymer 'SULFATE ION'
5 non-polymer 2,4,6-TRINITROTOLUENE
6 water water
#
_entity_poly.entity_id   1
_entity_poly.type   'polypeptide(L)'
_entity_poly.pdbx_seq_one_letter_code
;MTTLFDPIKLGDLQLPNRIIMAPLTRCRADEGRVPNALMAEYYVQRASAGLILSEATSVSPMGVGYPDTPGIWNDEQVRG
WNNVTKAVHAAGGRIFLQLWHVGRISHPSYLNGELPVAPSAIQPKGHVSLVRPLSDYPTPRALETEEINDIVEAYRSGAE
NAKAAGFDGVEIHGANGYLLDQFLQSSTNQRTDRYGGSLENRARLLLEVTDAAIEVWGAQRVGVHLAPRADAHDMGDADR
AETFTYVARELGKRGIAFICSREREADDSIGPLIKEAFGGPYIVNERFDKASANAALASGKADAVAFGVPFIANPDLPAR
LAADAPLNEAHPETFYGKGPVGYIDYPRLKLAAALEHHHHHH
;
_entity_poly.pdbx_strand_id   A,B
#
loop_
_chem_comp.id
_chem_comp.type
_chem_comp.name
_chem_comp.formula
FMN non-polymer 'FLAVIN MONONUCLEOTIDE' 'C17 H21 N4 O9 P'
GOL non-polymer GLYCEROL 'C3 H8 O3'
SO4 non-polymer 'SULFATE ION' 'O4 S -2'
TNL non-polymer 2,4,6-TRINITROTOLUENE 'C7 H5 N3 O6'
#
# COMPACT_ATOMS: atom_id res chain seq x y z
N THR A 2 -18.89 19.77 3.79
CA THR A 2 -18.74 18.99 2.57
C THR A 2 -20.09 18.67 1.94
N THR A 3 -20.17 18.84 0.63
CA THR A 3 -21.39 18.55 -0.13
C THR A 3 -21.07 17.63 -1.29
N LEU A 4 -22.11 17.15 -1.95
CA LEU A 4 -21.95 16.28 -3.12
C LEU A 4 -21.09 16.92 -4.22
N PHE A 5 -21.01 18.25 -4.21
CA PHE A 5 -20.38 18.96 -5.33
C PHE A 5 -18.93 19.31 -5.07
N ASP A 6 -18.44 18.96 -3.88
CA ASP A 6 -17.02 19.13 -3.56
C ASP A 6 -16.18 18.00 -4.12
N PRO A 7 -15.02 18.34 -4.71
CA PRO A 7 -14.14 17.27 -5.20
C PRO A 7 -13.66 16.36 -4.07
N ILE A 8 -13.27 15.14 -4.45
CA ILE A 8 -12.65 14.19 -3.53
C ILE A 8 -11.58 13.42 -4.27
N LYS A 9 -10.52 13.02 -3.56
CA LYS A 9 -9.53 12.10 -4.12
C LYS A 9 -9.81 10.71 -3.57
N LEU A 10 -9.79 9.72 -4.45
CA LEU A 10 -9.75 8.33 -4.03
C LEU A 10 -8.38 7.81 -4.44
N GLY A 11 -7.55 7.43 -3.47
CA GLY A 11 -6.16 7.15 -3.80
C GLY A 11 -5.54 8.39 -4.42
N ASP A 12 -4.91 8.24 -5.59
CA ASP A 12 -4.30 9.39 -6.27
C ASP A 12 -5.13 9.86 -7.46
N LEU A 13 -6.40 9.45 -7.50
CA LEU A 13 -7.30 9.87 -8.56
C LEU A 13 -8.20 11.00 -8.05
N GLN A 14 -8.08 12.18 -8.66
CA GLN A 14 -8.91 13.32 -8.28
C GLN A 14 -10.27 13.24 -8.95
N LEU A 15 -11.34 13.12 -8.18
CA LEU A 15 -12.70 13.25 -8.72
C LEU A 15 -13.18 14.69 -8.59
N PRO A 16 -13.99 15.16 -9.55
CA PRO A 16 -14.52 16.53 -9.54
C PRO A 16 -15.69 16.71 -8.58
N ASN A 17 -16.32 15.60 -8.20
CA ASN A 17 -17.43 15.65 -7.26
C ASN A 17 -17.57 14.30 -6.54
N ARG A 18 -18.57 14.22 -5.66
CA ARG A 18 -18.77 13.05 -4.83
C ARG A 18 -20.04 12.31 -5.20
N ILE A 19 -20.48 12.50 -6.45
CA ILE A 19 -21.66 11.84 -7.01
C ILE A 19 -21.22 10.66 -7.85
N ILE A 20 -21.37 9.46 -7.31
CA ILE A 20 -20.74 8.29 -7.91
C ILE A 20 -21.81 7.52 -8.66
N MET A 21 -21.48 7.00 -9.84
CA MET A 21 -22.42 6.15 -10.53
C MET A 21 -22.25 4.74 -10.02
N ALA A 22 -23.31 4.20 -9.41
CA ALA A 22 -23.26 2.87 -8.85
C ALA A 22 -23.12 1.84 -9.97
N PRO A 23 -22.56 0.66 -9.66
CA PRO A 23 -22.45 -0.40 -10.66
C PRO A 23 -23.83 -0.94 -11.03
N LEU A 24 -24.09 -1.09 -12.31
CA LEU A 24 -25.44 -1.44 -12.77
C LEU A 24 -25.38 -2.40 -13.96
N THR A 25 -25.71 -3.66 -13.73
CA THR A 25 -25.96 -4.64 -14.80
C THR A 25 -27.10 -4.22 -15.74
N ARG A 26 -26.83 -4.17 -17.05
CA ARG A 26 -27.85 -3.73 -18.00
C ARG A 26 -28.01 -4.67 -19.19
N CYS A 27 -27.15 -5.68 -19.30
CA CYS A 27 -27.32 -6.73 -20.31
C CYS A 27 -27.38 -6.20 -21.75
N ARG A 28 -26.50 -5.26 -22.08
CA ARG A 28 -26.48 -4.67 -23.43
C ARG A 28 -25.24 -5.06 -24.25
N ALA A 29 -24.47 -6.04 -23.80
CA ALA A 29 -23.23 -6.42 -24.49
C ALA A 29 -23.50 -7.18 -25.78
N ASP A 30 -22.50 -7.20 -26.66
CA ASP A 30 -22.59 -7.98 -27.89
C ASP A 30 -22.40 -9.47 -27.61
N GLU A 31 -22.81 -10.32 -28.55
CA GLU A 31 -22.65 -11.75 -28.35
C GLU A 31 -21.19 -12.09 -28.02
N GLY A 32 -20.99 -13.05 -27.12
CA GLY A 32 -19.66 -13.37 -26.62
C GLY A 32 -19.29 -12.51 -25.43
N ARG A 33 -20.29 -11.80 -24.93
CA ARG A 33 -20.14 -10.94 -23.77
C ARG A 33 -19.07 -9.88 -24.01
N VAL A 34 -19.14 -9.23 -25.17
CA VAL A 34 -18.14 -8.25 -25.58
C VAL A 34 -18.67 -6.82 -25.51
N PRO A 35 -17.96 -5.93 -24.81
CA PRO A 35 -18.48 -4.55 -24.79
C PRO A 35 -18.54 -3.92 -26.19
N ASN A 36 -19.49 -3.00 -26.39
CA ASN A 36 -19.75 -2.47 -27.72
C ASN A 36 -19.91 -0.96 -27.75
N ALA A 37 -20.21 -0.42 -28.92
CA ALA A 37 -20.32 1.03 -29.09
C ALA A 37 -21.52 1.60 -28.36
N LEU A 38 -22.59 0.81 -28.23
CA LEU A 38 -23.78 1.22 -27.51
C LEU A 38 -23.44 1.48 -26.04
N MET A 39 -22.72 0.53 -25.44
CA MET A 39 -22.24 0.68 -24.07
C MET A 39 -21.29 1.89 -23.92
N ALA A 40 -20.39 2.08 -24.87
CA ALA A 40 -19.53 3.27 -24.83
C ALA A 40 -20.38 4.55 -24.77
N GLU A 41 -21.40 4.64 -25.61
CA GLU A 41 -22.27 5.83 -25.68
C GLU A 41 -22.94 6.08 -24.33
N TYR A 42 -23.45 5.01 -23.73
CA TYR A 42 -24.12 5.08 -22.44
C TYR A 42 -23.22 5.60 -21.32
N TYR A 43 -21.98 5.12 -21.30
CA TYR A 43 -21.07 5.54 -20.24
C TYR A 43 -20.61 6.96 -20.48
N VAL A 44 -20.37 7.30 -21.75
CA VAL A 44 -20.02 8.69 -22.09
C VAL A 44 -21.12 9.67 -21.67
N GLN A 45 -22.39 9.29 -21.83
CA GLN A 45 -23.49 10.18 -21.45
C GLN A 45 -23.43 10.51 -19.98
N ARG A 46 -22.85 9.59 -19.20
CA ARG A 46 -22.83 9.69 -17.76
C ARG A 46 -21.47 10.11 -17.20
N ALA A 47 -20.64 10.69 -18.05
CA ALA A 47 -19.25 10.93 -17.70
C ALA A 47 -19.06 12.10 -16.74
N SER A 48 -20.10 12.87 -16.47
CA SER A 48 -19.97 13.90 -15.44
C SER A 48 -19.92 13.31 -14.01
N ALA A 49 -20.21 12.02 -13.86
CA ALA A 49 -20.14 11.39 -12.55
C ALA A 49 -18.73 11.55 -11.97
N GLY A 50 -18.63 11.76 -10.66
CA GLY A 50 -17.32 11.85 -10.03
C GLY A 50 -16.48 10.65 -10.41
N LEU A 51 -17.09 9.48 -10.38
CA LEU A 51 -16.46 8.24 -10.81
C LEU A 51 -17.58 7.32 -11.26
N ILE A 52 -17.33 6.57 -12.33
CA ILE A 52 -18.27 5.55 -12.74
C ILE A 52 -17.77 4.22 -12.23
N LEU A 53 -18.61 3.51 -11.49
CA LEU A 53 -18.38 2.10 -11.23
C LEU A 53 -19.13 1.31 -12.29
N SER A 54 -18.43 0.48 -13.06
CA SER A 54 -19.04 -0.23 -14.17
C SER A 54 -20.06 -1.28 -13.72
N GLU A 55 -20.91 -1.69 -14.66
CA GLU A 55 -21.71 -2.90 -14.48
C GLU A 55 -20.80 -4.05 -14.08
N ALA A 56 -21.35 -4.99 -13.34
CA ALA A 56 -20.60 -6.17 -12.91
C ALA A 56 -20.10 -6.92 -14.13
N THR A 57 -18.82 -7.30 -14.10
CA THR A 57 -18.18 -7.91 -15.26
C THR A 57 -17.45 -9.19 -14.84
N SER A 58 -17.86 -10.31 -15.41
CA SER A 58 -17.37 -11.61 -14.97
CA SER A 58 -17.37 -11.61 -14.97
C SER A 58 -15.94 -11.88 -15.39
N VAL A 59 -15.18 -12.50 -14.50
CA VAL A 59 -13.76 -12.79 -14.70
C VAL A 59 -13.53 -14.18 -15.29
N SER A 60 -14.61 -14.94 -15.47
CA SER A 60 -14.49 -16.22 -16.18
C SER A 60 -15.86 -16.69 -16.67
N PRO A 61 -15.87 -17.60 -17.65
CA PRO A 61 -17.13 -18.13 -18.18
C PRO A 61 -17.98 -18.84 -17.13
N MET A 62 -17.36 -19.40 -16.09
CA MET A 62 -18.12 -20.07 -15.04
C MET A 62 -18.66 -19.07 -14.01
N GLY A 63 -18.35 -17.80 -14.20
CA GLY A 63 -18.78 -16.77 -13.27
C GLY A 63 -19.88 -15.89 -13.83
N VAL A 64 -20.59 -16.38 -14.85
CA VAL A 64 -21.71 -15.65 -15.42
C VAL A 64 -23.07 -16.26 -15.00
N GLY A 65 -24.11 -15.43 -14.93
CA GLY A 65 -25.42 -15.95 -14.57
C GLY A 65 -26.60 -15.15 -15.11
N TYR A 66 -26.32 -14.32 -16.11
CA TYR A 66 -27.30 -13.43 -16.73
C TYR A 66 -26.95 -13.30 -18.21
N PRO A 67 -27.93 -12.96 -19.03
CA PRO A 67 -27.68 -12.88 -20.47
C PRO A 67 -27.04 -11.57 -20.84
N ASP A 68 -26.12 -11.60 -21.80
CA ASP A 68 -25.55 -10.39 -22.39
C ASP A 68 -24.85 -9.46 -21.40
N THR A 69 -24.29 -10.03 -20.34
CA THR A 69 -23.42 -9.28 -19.43
C THR A 69 -21.95 -9.50 -19.83
N PRO A 70 -21.14 -8.43 -19.78
CA PRO A 70 -19.78 -8.52 -20.33
C PRO A 70 -18.80 -9.28 -19.46
N GLY A 71 -17.72 -9.75 -20.09
CA GLY A 71 -16.64 -10.40 -19.38
C GLY A 71 -15.34 -9.61 -19.52
N ILE A 72 -14.31 -10.08 -18.81
CA ILE A 72 -13.01 -9.43 -18.90
C ILE A 72 -11.91 -10.47 -19.01
N TRP A 73 -12.25 -11.68 -19.48
CA TRP A 73 -11.28 -12.76 -19.46
C TRP A 73 -10.53 -12.99 -20.76
N ASN A 74 -10.96 -12.38 -21.86
CA ASN A 74 -10.25 -12.58 -23.13
C ASN A 74 -9.95 -11.30 -23.89
N ASP A 75 -9.12 -11.41 -24.93
CA ASP A 75 -8.62 -10.24 -25.64
C ASP A 75 -9.71 -9.49 -26.37
N GLU A 76 -10.71 -10.22 -26.88
CA GLU A 76 -11.83 -9.60 -27.57
C GLU A 76 -12.56 -8.64 -26.62
N GLN A 77 -12.78 -9.10 -25.39
CA GLN A 77 -13.43 -8.30 -24.36
C GLN A 77 -12.57 -7.11 -23.94
N VAL A 78 -11.27 -7.32 -23.82
CA VAL A 78 -10.35 -6.22 -23.53
C VAL A 78 -10.45 -5.13 -24.59
N ARG A 79 -10.48 -5.53 -25.86
CA ARG A 79 -10.55 -4.56 -26.95
C ARG A 79 -11.86 -3.77 -26.87
N GLY A 80 -12.95 -4.46 -26.59
CA GLY A 80 -14.25 -3.82 -26.49
C GLY A 80 -14.27 -2.82 -25.33
N TRP A 81 -13.69 -3.20 -24.20
CA TRP A 81 -13.62 -2.32 -23.04
C TRP A 81 -12.68 -1.14 -23.29
N ASN A 82 -11.61 -1.37 -24.04
CA ASN A 82 -10.69 -0.29 -24.36
C ASN A 82 -11.41 0.83 -25.13
N ASN A 83 -12.36 0.48 -25.97
CA ASN A 83 -13.10 1.53 -26.68
C ASN A 83 -14.00 2.32 -25.73
N VAL A 84 -14.52 1.65 -24.70
CA VAL A 84 -15.34 2.31 -23.69
C VAL A 84 -14.51 3.29 -22.88
N THR A 85 -13.39 2.83 -22.34
CA THR A 85 -12.58 3.68 -21.47
C THR A 85 -11.97 4.85 -22.23
N LYS A 86 -11.57 4.65 -23.49
CA LYS A 86 -11.04 5.77 -24.25
C LYS A 86 -12.11 6.84 -24.43
N ALA A 87 -13.35 6.41 -24.69
CA ALA A 87 -14.43 7.36 -24.94
C ALA A 87 -14.84 8.10 -23.65
N VAL A 88 -14.98 7.37 -22.57
CA VAL A 88 -15.23 8.01 -21.26
C VAL A 88 -14.15 9.02 -20.95
N HIS A 89 -12.88 8.66 -21.14
CA HIS A 89 -11.78 9.57 -20.81
C HIS A 89 -11.79 10.83 -21.69
N ALA A 90 -12.11 10.66 -22.97
CA ALA A 90 -12.17 11.81 -23.87
C ALA A 90 -13.30 12.74 -23.44
N ALA A 91 -14.33 12.14 -22.84
CA ALA A 91 -15.48 12.91 -22.36
C ALA A 91 -15.22 13.49 -20.99
N GLY A 92 -14.00 13.29 -20.48
CA GLY A 92 -13.57 13.86 -19.22
C GLY A 92 -13.98 13.07 -17.98
N GLY A 93 -14.37 11.80 -18.16
CA GLY A 93 -14.85 10.98 -17.06
C GLY A 93 -13.80 10.04 -16.51
N ARG A 94 -14.16 9.30 -15.46
CA ARG A 94 -13.28 8.30 -14.86
C ARG A 94 -14.11 7.04 -14.64
N ILE A 95 -13.50 5.86 -14.77
CA ILE A 95 -14.26 4.64 -14.62
C ILE A 95 -13.43 3.47 -14.04
N PHE A 96 -14.04 2.73 -13.13
CA PHE A 96 -13.45 1.50 -12.58
C PHE A 96 -14.27 0.33 -13.10
N LEU A 97 -13.62 -0.79 -13.34
CA LEU A 97 -14.31 -2.03 -13.71
C LEU A 97 -14.66 -2.84 -12.47
N GLN A 98 -15.92 -3.27 -12.35
CA GLN A 98 -16.31 -4.10 -11.21
C GLN A 98 -16.12 -5.57 -11.56
N LEU A 99 -15.22 -6.26 -10.83
CA LEU A 99 -14.87 -7.65 -11.15
C LEU A 99 -15.81 -8.63 -10.45
N TRP A 100 -16.43 -9.52 -11.23
CA TRP A 100 -17.58 -10.32 -10.80
C TRP A 100 -17.33 -11.82 -10.91
N HIS A 101 -17.95 -12.59 -10.04
CA HIS A 101 -18.15 -14.02 -10.29
C HIS A 101 -19.42 -14.34 -9.53
N VAL A 102 -20.44 -14.87 -10.21
CA VAL A 102 -21.77 -14.98 -9.61
C VAL A 102 -21.89 -16.17 -8.65
N GLY A 103 -20.93 -17.08 -8.67
CA GLY A 103 -21.00 -18.25 -7.81
C GLY A 103 -22.32 -18.98 -8.04
N ARG A 104 -23.04 -19.30 -6.97
CA ARG A 104 -24.24 -20.15 -7.07
C ARG A 104 -25.44 -19.46 -7.73
N ILE A 105 -25.34 -18.16 -7.96
CA ILE A 105 -26.47 -17.40 -8.51
C ILE A 105 -26.41 -17.44 -10.05
N SER A 106 -26.74 -18.61 -10.58
CA SER A 106 -26.61 -18.90 -12.00
C SER A 106 -27.52 -20.05 -12.37
N HIS A 107 -27.40 -20.53 -13.62
CA HIS A 107 -28.25 -21.58 -14.16
C HIS A 107 -27.40 -22.34 -15.18
N PRO A 108 -27.57 -23.67 -15.26
CA PRO A 108 -26.71 -24.41 -16.19
C PRO A 108 -26.80 -23.96 -17.66
N SER A 109 -27.90 -23.35 -18.06
CA SER A 109 -28.06 -22.89 -19.45
C SER A 109 -27.02 -21.84 -19.83
N TYR A 110 -26.43 -21.17 -18.84
CA TYR A 110 -25.36 -20.20 -19.11
C TYR A 110 -23.98 -20.82 -19.08
N LEU A 111 -23.90 -22.05 -18.59
CA LEU A 111 -22.62 -22.70 -18.28
C LEU A 111 -22.43 -23.98 -19.07
N ASN A 112 -22.98 -24.01 -20.28
CA ASN A 112 -22.91 -25.20 -21.12
C ASN A 112 -23.34 -26.48 -20.39
N GLY A 113 -24.37 -26.38 -19.54
CA GLY A 113 -24.89 -27.54 -18.86
C GLY A 113 -24.24 -27.86 -17.52
N GLU A 114 -23.13 -27.20 -17.19
CA GLU A 114 -22.46 -27.44 -15.91
C GLU A 114 -23.21 -26.77 -14.75
N LEU A 115 -22.88 -27.20 -13.53
CA LEU A 115 -23.47 -26.59 -12.34
C LEU A 115 -22.72 -25.33 -11.95
N PRO A 116 -23.45 -24.30 -11.49
CA PRO A 116 -22.78 -23.14 -10.89
C PRO A 116 -21.90 -23.62 -9.74
N VAL A 117 -20.82 -22.91 -9.44
CA VAL A 117 -19.93 -23.30 -8.32
C VAL A 117 -20.09 -22.37 -7.12
N ALA A 118 -19.66 -22.83 -5.96
CA ALA A 118 -19.95 -22.16 -4.70
C ALA A 118 -19.03 -22.71 -3.61
N PRO A 119 -18.98 -22.06 -2.43
CA PRO A 119 -18.18 -22.66 -1.36
C PRO A 119 -18.79 -23.99 -0.88
N SER A 120 -20.12 -24.06 -0.86
CA SER A 120 -20.82 -25.26 -0.41
C SER A 120 -22.03 -25.55 -1.29
N ALA A 121 -22.45 -26.81 -1.29
CA ALA A 121 -23.59 -27.24 -2.09
C ALA A 121 -24.91 -26.86 -1.42
N ILE A 122 -25.24 -25.59 -1.45
CA ILE A 122 -26.42 -25.07 -0.79
C ILE A 122 -27.23 -24.30 -1.83
N GLN A 123 -28.42 -24.81 -2.11
CA GLN A 123 -29.29 -24.24 -3.14
C GLN A 123 -29.90 -22.92 -2.70
N PRO A 124 -29.71 -21.87 -3.52
CA PRO A 124 -30.35 -20.60 -3.15
C PRO A 124 -31.85 -20.67 -3.44
N LYS A 125 -32.63 -20.02 -2.59
CA LYS A 125 -34.08 -20.01 -2.77
C LYS A 125 -34.44 -19.10 -3.94
N GLY A 126 -35.64 -19.31 -4.48
CA GLY A 126 -36.19 -18.41 -5.46
C GLY A 126 -35.98 -18.87 -6.90
N HIS A 127 -36.20 -17.96 -7.83
CA HIS A 127 -36.09 -18.28 -9.26
C HIS A 127 -34.96 -17.49 -9.89
N VAL A 128 -34.36 -18.06 -10.92
CA VAL A 128 -33.33 -17.36 -11.66
C VAL A 128 -33.96 -16.15 -12.35
N SER A 129 -33.39 -14.96 -12.14
CA SER A 129 -33.89 -13.77 -12.82
CA SER A 129 -33.86 -13.76 -12.82
C SER A 129 -33.69 -13.89 -14.33
N LEU A 130 -34.67 -13.41 -15.08
CA LEU A 130 -34.62 -13.35 -16.54
C LEU A 130 -34.90 -14.69 -17.26
N VAL A 131 -34.43 -15.80 -16.71
CA VAL A 131 -34.63 -17.11 -17.34
C VAL A 131 -36.12 -17.44 -17.52
N ARG A 132 -36.43 -17.98 -18.69
CA ARG A 132 -37.80 -18.36 -19.02
C ARG A 132 -37.81 -19.71 -19.69
N PRO A 133 -38.73 -20.58 -19.24
CA PRO A 133 -39.77 -20.29 -18.25
C PRO A 133 -39.19 -20.27 -16.84
N LEU A 134 -39.94 -19.74 -15.87
CA LEU A 134 -39.46 -19.67 -14.50
C LEU A 134 -38.75 -20.97 -14.13
N SER A 135 -37.62 -20.85 -13.46
CA SER A 135 -36.84 -22.01 -13.05
C SER A 135 -36.22 -21.74 -11.70
N ASP A 136 -36.15 -22.75 -10.85
CA ASP A 136 -35.38 -22.64 -9.61
C ASP A 136 -33.90 -22.58 -9.96
N TYR A 137 -33.10 -22.14 -9.00
CA TYR A 137 -31.66 -22.26 -9.15
C TYR A 137 -31.32 -23.74 -9.00
N PRO A 138 -30.24 -24.19 -9.63
CA PRO A 138 -29.81 -25.55 -9.28
C PRO A 138 -29.15 -25.54 -7.90
N THR A 139 -28.87 -26.71 -7.33
CA THR A 139 -27.93 -26.81 -6.21
C THR A 139 -26.52 -26.74 -6.78
N PRO A 140 -25.69 -25.81 -6.26
CA PRO A 140 -24.38 -25.65 -6.88
C PRO A 140 -23.41 -26.76 -6.48
N ARG A 141 -22.31 -26.87 -7.22
CA ARG A 141 -21.24 -27.80 -6.89
C ARG A 141 -20.25 -27.09 -5.95
N ALA A 142 -19.89 -27.75 -4.84
CA ALA A 142 -18.91 -27.18 -3.92
C ALA A 142 -17.50 -27.28 -4.48
N LEU A 143 -16.80 -26.15 -4.54
CA LEU A 143 -15.48 -26.12 -5.16
C LEU A 143 -14.45 -26.94 -4.42
N GLU A 144 -13.51 -27.51 -5.16
CA GLU A 144 -12.34 -28.13 -4.57
C GLU A 144 -11.37 -27.04 -4.15
N THR A 145 -10.56 -27.32 -3.13
CA THR A 145 -9.64 -26.32 -2.59
C THR A 145 -8.78 -25.73 -3.72
N GLU A 146 -8.29 -26.59 -4.61
CA GLU A 146 -7.42 -26.15 -5.70
C GLU A 146 -8.15 -25.24 -6.69
N GLU A 147 -9.43 -25.51 -6.91
CA GLU A 147 -10.23 -24.72 -7.83
C GLU A 147 -10.41 -23.29 -7.33
N ILE A 148 -10.38 -23.12 -6.01
CA ILE A 148 -10.47 -21.78 -5.45
C ILE A 148 -9.21 -20.98 -5.80
N ASN A 149 -8.05 -21.62 -5.77
CA ASN A 149 -6.84 -20.93 -6.21
C ASN A 149 -6.96 -20.55 -7.70
N ASP A 150 -7.63 -21.39 -8.49
CA ASP A 150 -7.86 -21.09 -9.90
C ASP A 150 -8.71 -19.85 -10.06
N ILE A 151 -9.70 -19.71 -9.18
CA ILE A 151 -10.56 -18.55 -9.23
C ILE A 151 -9.76 -17.30 -8.85
N VAL A 152 -8.89 -17.40 -7.86
CA VAL A 152 -8.04 -16.27 -7.51
C VAL A 152 -7.25 -15.84 -8.75
N GLU A 153 -6.72 -16.82 -9.47
CA GLU A 153 -5.94 -16.52 -10.68
C GLU A 153 -6.79 -15.87 -11.75
N ALA A 154 -8.08 -16.20 -11.81
CA ALA A 154 -8.96 -15.58 -12.80
C ALA A 154 -9.23 -14.12 -12.42
N TYR A 155 -9.41 -13.85 -11.14
CA TYR A 155 -9.50 -12.45 -10.73
C TYR A 155 -8.20 -11.69 -11.02
N ARG A 156 -7.06 -12.37 -10.89
CA ARG A 156 -5.79 -11.69 -11.11
C ARG A 156 -5.71 -11.35 -12.59
N SER A 157 -5.98 -12.32 -13.45
CA SER A 157 -5.95 -12.08 -14.89
CA SER A 157 -5.97 -12.09 -14.90
C SER A 157 -6.99 -11.03 -15.27
N GLY A 158 -8.15 -11.07 -14.63
CA GLY A 158 -9.19 -10.10 -14.88
C GLY A 158 -8.74 -8.69 -14.55
N ALA A 159 -8.00 -8.55 -13.46
CA ALA A 159 -7.53 -7.24 -13.06
C ALA A 159 -6.46 -6.75 -14.04
N GLU A 160 -5.60 -7.65 -14.48
CA GLU A 160 -4.57 -7.29 -15.45
C GLU A 160 -5.25 -6.87 -16.77
N ASN A 161 -6.27 -7.61 -17.20
CA ASN A 161 -6.97 -7.27 -18.42
C ASN A 161 -7.67 -5.93 -18.29
N ALA A 162 -8.18 -5.61 -17.10
CA ALA A 162 -8.84 -4.32 -16.91
C ALA A 162 -7.79 -3.22 -17.06
N LYS A 163 -6.58 -3.48 -16.58
CA LYS A 163 -5.53 -2.48 -16.66
C LYS A 163 -5.16 -2.26 -18.12
N ALA A 164 -5.04 -3.34 -18.89
CA ALA A 164 -4.71 -3.25 -20.31
C ALA A 164 -5.83 -2.51 -21.08
N ALA A 165 -7.06 -2.65 -20.59
CA ALA A 165 -8.22 -2.02 -21.23
C ALA A 165 -8.34 -0.54 -20.87
N GLY A 166 -7.43 -0.04 -20.04
CA GLY A 166 -7.35 1.38 -19.73
C GLY A 166 -8.29 1.90 -18.65
N PHE A 167 -8.80 1.04 -17.78
CA PHE A 167 -9.60 1.54 -16.64
C PHE A 167 -8.73 2.35 -15.69
N ASP A 168 -9.38 3.19 -14.88
CA ASP A 168 -8.71 3.96 -13.84
C ASP A 168 -8.46 3.12 -12.60
N GLY A 169 -9.17 2.00 -12.49
CA GLY A 169 -9.01 1.11 -11.35
C GLY A 169 -10.01 -0.02 -11.45
N VAL A 170 -10.03 -0.90 -10.44
CA VAL A 170 -11.05 -1.94 -10.39
C VAL A 170 -11.75 -1.94 -9.02
N GLU A 171 -13.00 -2.40 -8.99
CA GLU A 171 -13.70 -2.62 -7.73
C GLU A 171 -14.02 -4.09 -7.63
N ILE A 172 -13.71 -4.70 -6.50
CA ILE A 172 -14.03 -6.10 -6.29
C ILE A 172 -15.50 -6.24 -5.89
N HIS A 173 -16.25 -7.06 -6.60
CA HIS A 173 -17.65 -7.25 -6.24
C HIS A 173 -17.72 -8.24 -5.08
N GLY A 174 -17.75 -7.70 -3.86
CA GLY A 174 -17.81 -8.53 -2.66
C GLY A 174 -19.21 -8.60 -2.08
N ALA A 175 -20.21 -8.30 -2.91
CA ALA A 175 -21.54 -7.98 -2.39
C ALA A 175 -22.67 -8.80 -3.01
N ASN A 176 -23.89 -8.52 -2.55
CA ASN A 176 -25.14 -9.02 -3.14
C ASN A 176 -25.24 -10.53 -3.36
N GLY A 177 -24.56 -11.28 -2.51
CA GLY A 177 -24.73 -12.72 -2.47
C GLY A 177 -24.03 -13.47 -3.59
N TYR A 178 -23.08 -12.82 -4.25
CA TYR A 178 -22.32 -13.48 -5.30
C TYR A 178 -21.14 -14.23 -4.70
N LEU A 179 -20.21 -14.72 -5.52
CA LEU A 179 -19.28 -15.74 -5.03
C LEU A 179 -18.53 -15.33 -3.77
N LEU A 180 -17.93 -14.14 -3.77
CA LEU A 180 -17.08 -13.76 -2.65
C LEU A 180 -17.90 -13.61 -1.36
N ASP A 181 -19.13 -13.14 -1.52
CA ASP A 181 -20.07 -12.97 -0.42
C ASP A 181 -20.53 -14.34 0.10
N GLN A 182 -20.73 -15.27 -0.82
CA GLN A 182 -21.07 -16.64 -0.46
C GLN A 182 -20.00 -17.24 0.46
N PHE A 183 -18.73 -17.03 0.13
CA PHE A 183 -17.64 -17.49 0.98
C PHE A 183 -17.62 -16.72 2.32
N LEU A 184 -17.92 -15.42 2.28
CA LEU A 184 -17.81 -14.57 3.45
C LEU A 184 -18.80 -14.91 4.56
N GLN A 185 -19.98 -15.39 4.20
CA GLN A 185 -21.09 -15.48 5.17
C GLN A 185 -21.33 -16.90 5.69
N SER A 186 -21.73 -17.03 6.94
CA SER A 186 -21.75 -18.34 7.59
C SER A 186 -22.86 -19.25 7.06
N SER A 187 -23.96 -18.68 6.59
CA SER A 187 -25.07 -19.55 6.14
C SER A 187 -24.74 -20.29 4.84
N THR A 188 -23.89 -19.69 4.01
CA THR A 188 -23.60 -20.22 2.67
C THR A 188 -22.27 -20.95 2.62
N ASN A 189 -21.46 -20.77 3.66
CA ASN A 189 -20.13 -21.38 3.73
C ASN A 189 -20.03 -22.37 4.88
N GLN A 190 -20.07 -23.66 4.56
CA GLN A 190 -19.91 -24.74 5.53
C GLN A 190 -18.62 -25.53 5.26
N ARG A 191 -17.66 -24.92 4.57
CA ARG A 191 -16.39 -25.58 4.27
C ARG A 191 -15.56 -25.81 5.53
N THR A 192 -14.66 -26.79 5.47
CA THR A 192 -13.77 -27.05 6.59
C THR A 192 -12.30 -27.02 6.18
N ASP A 193 -12.03 -26.51 4.98
CA ASP A 193 -10.65 -26.23 4.57
C ASP A 193 -10.24 -24.82 5.00
N ARG A 194 -9.16 -24.29 4.42
CA ARG A 194 -8.67 -22.97 4.79
C ARG A 194 -9.65 -21.87 4.41
N TYR A 195 -10.70 -22.20 3.64
CA TYR A 195 -11.67 -21.19 3.17
C TYR A 195 -13.03 -21.19 3.88
N GLY A 196 -13.16 -21.94 4.97
CA GLY A 196 -14.35 -21.84 5.78
C GLY A 196 -14.11 -22.26 7.22
N GLY A 197 -15.08 -22.03 8.09
CA GLY A 197 -15.07 -22.61 9.42
C GLY A 197 -14.51 -21.69 10.49
N SER A 198 -14.17 -20.47 10.09
CA SER A 198 -13.78 -19.41 10.99
C SER A 198 -13.95 -18.11 10.21
N LEU A 199 -13.98 -16.98 10.91
CA LEU A 199 -14.09 -15.68 10.26
C LEU A 199 -12.88 -15.39 9.38
N GLU A 200 -11.68 -15.66 9.90
CA GLU A 200 -10.47 -15.48 9.09
C GLU A 200 -10.57 -16.30 7.79
N ASN A 201 -11.02 -17.55 7.92
CA ASN A 201 -11.12 -18.42 6.76
C ASN A 201 -12.21 -17.98 5.77
N ARG A 202 -13.37 -17.57 6.28
CA ARG A 202 -14.47 -17.09 5.41
C ARG A 202 -14.08 -15.86 4.61
N ALA A 203 -13.27 -14.99 5.22
CA ALA A 203 -12.91 -13.74 4.56
C ALA A 203 -11.74 -13.97 3.63
N ARG A 204 -11.12 -15.15 3.73
CA ARG A 204 -9.85 -15.41 3.05
C ARG A 204 -9.93 -15.18 1.54
N LEU A 205 -10.95 -15.70 0.87
CA LEU A 205 -11.02 -15.59 -0.59
C LEU A 205 -11.11 -14.13 -1.02
N LEU A 206 -11.99 -13.36 -0.37
CA LEU A 206 -12.13 -11.94 -0.67
C LEU A 206 -10.78 -11.21 -0.54
N LEU A 207 -10.04 -11.54 0.52
CA LEU A 207 -8.76 -10.85 0.74
C LEU A 207 -7.70 -11.34 -0.22
N GLU A 208 -7.81 -12.59 -0.66
CA GLU A 208 -6.81 -13.12 -1.60
C GLU A 208 -7.00 -12.47 -2.97
N VAL A 209 -8.27 -12.30 -3.37
CA VAL A 209 -8.59 -11.64 -4.62
C VAL A 209 -8.17 -10.18 -4.55
N THR A 210 -8.49 -9.53 -3.43
CA THR A 210 -8.09 -8.15 -3.21
C THR A 210 -6.56 -8.00 -3.31
N ASP A 211 -5.81 -8.89 -2.66
CA ASP A 211 -4.36 -8.80 -2.73
C ASP A 211 -3.84 -8.99 -4.17
N ALA A 212 -4.49 -9.86 -4.94
CA ALA A 212 -4.07 -10.07 -6.33
C ALA A 212 -4.26 -8.79 -7.14
N ALA A 213 -5.40 -8.15 -6.91
CA ALA A 213 -5.73 -6.88 -7.57
C ALA A 213 -4.73 -5.82 -7.14
N ILE A 214 -4.32 -5.87 -5.88
CA ILE A 214 -3.36 -4.89 -5.36
C ILE A 214 -2.00 -5.06 -6.04
N GLU A 215 -1.59 -6.29 -6.30
CA GLU A 215 -0.29 -6.49 -6.97
C GLU A 215 -0.31 -5.85 -8.36
N VAL A 216 -1.46 -5.90 -9.02
CA VAL A 216 -1.60 -5.40 -10.40
C VAL A 216 -1.77 -3.88 -10.47
N TRP A 217 -2.50 -3.31 -9.51
CA TRP A 217 -2.97 -1.92 -9.60
C TRP A 217 -2.38 -0.96 -8.57
N GLY A 218 -1.94 -1.50 -7.44
CA GLY A 218 -1.71 -0.70 -6.25
C GLY A 218 -3.02 -0.58 -5.50
N ALA A 219 -2.98 -0.70 -4.18
CA ALA A 219 -4.20 -0.66 -3.39
C ALA A 219 -4.96 0.64 -3.59
N GLN A 220 -4.27 1.73 -3.88
CA GLN A 220 -4.99 2.99 -3.93
C GLN A 220 -5.74 3.17 -5.26
N ARG A 221 -5.82 2.11 -6.06
CA ARG A 221 -6.65 2.11 -7.27
C ARG A 221 -7.55 0.86 -7.30
N VAL A 222 -7.86 0.35 -6.11
CA VAL A 222 -8.75 -0.80 -5.96
C VAL A 222 -9.78 -0.45 -4.91
N GLY A 223 -11.05 -0.70 -5.19
CA GLY A 223 -12.09 -0.52 -4.20
C GLY A 223 -12.78 -1.84 -3.96
N VAL A 224 -13.66 -1.92 -2.96
CA VAL A 224 -14.41 -3.14 -2.72
C VAL A 224 -15.88 -2.82 -2.46
N HIS A 225 -16.77 -3.64 -3.04
CA HIS A 225 -18.21 -3.45 -2.90
C HIS A 225 -18.71 -4.44 -1.86
N LEU A 226 -19.53 -3.99 -0.91
CA LEU A 226 -20.08 -4.89 0.10
C LEU A 226 -21.58 -4.67 0.24
N ALA A 227 -22.26 -5.66 0.82
CA ALA A 227 -23.69 -5.54 1.12
C ALA A 227 -23.91 -6.01 2.55
N PRO A 228 -23.64 -5.13 3.51
CA PRO A 228 -23.56 -5.55 4.92
C PRO A 228 -24.90 -5.93 5.57
N ARG A 229 -26.04 -5.62 4.95
CA ARG A 229 -27.33 -6.07 5.49
C ARG A 229 -27.67 -7.49 5.04
N ALA A 230 -26.87 -8.06 4.14
CA ALA A 230 -27.03 -9.47 3.74
C ALA A 230 -28.46 -9.79 3.32
N ASP A 231 -29.03 -8.90 2.51
CA ASP A 231 -30.45 -8.92 2.22
C ASP A 231 -30.83 -9.25 0.77
N ALA A 232 -29.84 -9.61 -0.05
CA ALA A 232 -30.08 -10.01 -1.43
C ALA A 232 -29.55 -11.41 -1.72
N HIS A 233 -30.28 -12.14 -2.56
CA HIS A 233 -29.88 -13.48 -3.04
C HIS A 233 -29.65 -14.51 -1.93
N ASP A 234 -30.58 -14.53 -0.97
CA ASP A 234 -30.68 -15.61 0.01
C ASP A 234 -29.42 -15.74 0.87
N MET A 235 -28.92 -14.62 1.36
CA MET A 235 -27.73 -14.63 2.21
C MET A 235 -28.09 -14.68 3.69
N GLY A 236 -27.08 -14.50 4.54
CA GLY A 236 -27.31 -14.53 5.97
C GLY A 236 -26.04 -14.94 6.70
N ASP A 237 -25.75 -14.24 7.78
CA ASP A 237 -24.52 -14.46 8.54
C ASP A 237 -24.84 -14.38 10.02
N ALA A 238 -24.18 -15.22 10.83
CA ALA A 238 -24.51 -15.34 12.23
C ALA A 238 -24.09 -14.12 13.05
N ASP A 239 -23.13 -13.34 12.53
CA ASP A 239 -22.70 -12.14 13.24
C ASP A 239 -22.21 -11.14 12.20
N ARG A 240 -23.12 -10.46 11.54
CA ARG A 240 -22.67 -9.60 10.45
C ARG A 240 -21.92 -8.37 10.94
N ALA A 241 -22.20 -7.87 12.15
CA ALA A 241 -21.38 -6.78 12.69
C ALA A 241 -19.91 -7.22 12.78
N GLU A 242 -19.66 -8.43 13.28
CA GLU A 242 -18.29 -8.93 13.38
C GLU A 242 -17.69 -9.20 11.99
N THR A 243 -18.42 -9.92 11.16
CA THR A 243 -17.97 -10.27 9.80
C THR A 243 -17.57 -9.04 8.97
N PHE A 244 -18.44 -8.04 8.91
CA PHE A 244 -18.15 -6.91 8.03
C PHE A 244 -17.12 -5.93 8.58
N THR A 245 -17.00 -5.83 9.90
CA THR A 245 -15.96 -4.95 10.44
C THR A 245 -14.59 -5.63 10.35
N TYR A 246 -14.55 -6.96 10.39
CA TYR A 246 -13.31 -7.67 10.19
C TYR A 246 -12.80 -7.37 8.78
N VAL A 247 -13.69 -7.49 7.81
CA VAL A 247 -13.36 -7.19 6.42
C VAL A 247 -12.89 -5.75 6.31
N ALA A 248 -13.64 -4.82 6.93
CA ALA A 248 -13.31 -3.39 6.86
C ALA A 248 -11.93 -3.12 7.42
N ARG A 249 -11.64 -3.73 8.56
CA ARG A 249 -10.33 -3.58 9.20
C ARG A 249 -9.21 -4.11 8.31
N GLU A 250 -9.40 -5.29 7.73
CA GLU A 250 -8.36 -5.89 6.92
C GLU A 250 -8.16 -5.12 5.60
N LEU A 251 -9.25 -4.61 5.01
CA LEU A 251 -9.10 -3.87 3.77
C LEU A 251 -8.39 -2.56 4.08
N GLY A 252 -8.66 -2.02 5.26
CA GLY A 252 -8.02 -0.78 5.68
C GLY A 252 -6.52 -0.95 5.87
N LYS A 253 -6.12 -2.09 6.42
CA LYS A 253 -4.71 -2.37 6.58
C LYS A 253 -4.01 -2.33 5.22
N ARG A 254 -4.73 -2.68 4.17
CA ARG A 254 -4.15 -2.70 2.82
C ARG A 254 -4.15 -1.34 2.11
N GLY A 255 -4.74 -0.32 2.73
CA GLY A 255 -4.77 1.00 2.14
C GLY A 255 -5.65 1.09 0.88
N ILE A 256 -6.66 0.26 0.77
CA ILE A 256 -7.45 0.30 -0.46
C ILE A 256 -8.19 1.64 -0.61
N ALA A 257 -8.52 1.98 -1.85
CA ALA A 257 -9.02 3.31 -2.17
C ALA A 257 -10.37 3.66 -1.54
N PHE A 258 -11.28 2.69 -1.43
CA PHE A 258 -12.60 2.97 -0.86
C PHE A 258 -13.32 1.66 -0.61
N ILE A 259 -14.34 1.72 0.24
CA ILE A 259 -15.34 0.67 0.32
C ILE A 259 -16.65 1.33 -0.09
N CYS A 260 -17.43 0.67 -0.96
CA CYS A 260 -18.77 1.13 -1.29
C CYS A 260 -19.74 0.08 -0.76
N SER A 261 -20.69 0.48 0.09
CA SER A 261 -21.67 -0.44 0.65
C SER A 261 -23.09 -0.14 0.19
N ARG A 262 -23.76 -1.15 -0.39
CA ARG A 262 -25.18 -1.03 -0.63
C ARG A 262 -25.86 -1.25 0.71
N GLU A 263 -26.37 -0.18 1.29
CA GLU A 263 -27.02 -0.28 2.61
C GLU A 263 -27.77 1.00 2.88
N ARG A 264 -29.08 0.98 2.67
CA ARG A 264 -29.90 2.17 2.87
C ARG A 264 -29.87 2.55 4.35
N GLU A 265 -30.05 3.82 4.64
CA GLU A 265 -30.01 4.27 6.02
CA GLU A 265 -30.03 4.30 6.02
C GLU A 265 -31.20 3.74 6.83
N ALA A 266 -30.88 3.13 7.97
CA ALA A 266 -31.88 2.68 8.94
C ALA A 266 -31.16 2.59 10.26
N ASP A 267 -31.92 2.44 11.33
CA ASP A 267 -31.32 2.37 12.67
C ASP A 267 -30.30 1.25 12.78
N ASP A 268 -30.47 0.16 12.03
CA ASP A 268 -29.52 -0.97 12.11
C ASP A 268 -28.37 -0.88 11.10
N SER A 269 -28.21 0.25 10.42
CA SER A 269 -27.09 0.41 9.50
C SER A 269 -25.77 0.20 10.24
N ILE A 270 -24.96 -0.74 9.78
CA ILE A 270 -23.64 -0.91 10.37
C ILE A 270 -22.54 -0.20 9.58
N GLY A 271 -22.93 0.54 8.54
CA GLY A 271 -22.00 1.40 7.82
C GLY A 271 -21.02 2.17 8.70
N PRO A 272 -21.52 2.82 9.76
CA PRO A 272 -20.58 3.58 10.59
C PRO A 272 -19.48 2.72 11.24
N LEU A 273 -19.79 1.49 11.65
CA LEU A 273 -18.75 0.62 12.20
C LEU A 273 -17.73 0.22 11.12
N ILE A 274 -18.22 -0.02 9.91
CA ILE A 274 -17.37 -0.38 8.77
C ILE A 274 -16.45 0.78 8.40
N LYS A 275 -17.03 1.98 8.32
CA LYS A 275 -16.26 3.18 7.99
C LYS A 275 -15.14 3.41 8.98
N GLU A 276 -15.45 3.28 10.25
CA GLU A 276 -14.48 3.51 11.30
C GLU A 276 -13.35 2.47 11.28
N ALA A 277 -13.70 1.20 11.09
CA ALA A 277 -12.72 0.12 11.09
C ALA A 277 -11.81 0.22 9.87
N PHE A 278 -12.37 0.72 8.77
CA PHE A 278 -11.66 0.81 7.49
C PHE A 278 -10.68 1.99 7.47
N GLY A 279 -11.19 3.17 7.85
CA GLY A 279 -10.36 4.36 7.98
C GLY A 279 -10.15 5.16 6.71
N GLY A 280 -10.61 4.64 5.57
CA GLY A 280 -10.49 5.36 4.32
C GLY A 280 -11.85 5.83 3.79
N PRO A 281 -11.87 6.36 2.55
CA PRO A 281 -13.10 6.92 1.96
C PRO A 281 -14.23 5.89 1.91
N TYR A 282 -15.40 6.31 2.37
CA TYR A 282 -16.55 5.43 2.50
C TYR A 282 -17.66 5.95 1.59
N ILE A 283 -18.12 5.11 0.68
CA ILE A 283 -19.14 5.49 -0.29
C ILE A 283 -20.43 4.77 0.09
N VAL A 284 -21.43 5.54 0.53
CA VAL A 284 -22.71 4.93 0.90
C VAL A 284 -23.58 4.81 -0.34
N ASN A 285 -24.67 4.05 -0.23
CA ASN A 285 -25.52 3.77 -1.38
C ASN A 285 -26.79 3.09 -0.94
N GLU A 286 -27.84 3.31 -1.72
CA GLU A 286 -29.16 2.66 -1.65
C GLU A 286 -30.22 3.62 -1.08
N ARG A 287 -31.05 4.13 -1.99
CA ARG A 287 -32.21 4.95 -1.66
C ARG A 287 -31.85 6.35 -1.19
N PHE A 288 -30.62 6.78 -1.46
CA PHE A 288 -30.25 8.16 -1.14
C PHE A 288 -30.81 9.14 -2.17
N ASP A 289 -31.16 10.33 -1.71
CA ASP A 289 -31.50 11.44 -2.60
C ASP A 289 -30.57 12.61 -2.29
N LYS A 290 -30.79 13.75 -2.94
CA LYS A 290 -29.86 14.85 -2.75
C LYS A 290 -29.80 15.25 -1.29
N ALA A 291 -30.96 15.37 -0.65
CA ALA A 291 -31.01 15.85 0.73
C ALA A 291 -30.34 14.86 1.69
N SER A 292 -30.68 13.58 1.62
CA SER A 292 -30.11 12.61 2.55
C SER A 292 -28.61 12.35 2.25
N ALA A 293 -28.19 12.49 1.00
CA ALA A 293 -26.79 12.32 0.66
C ALA A 293 -25.99 13.47 1.25
N ASN A 294 -26.49 14.69 1.12
CA ASN A 294 -25.77 15.84 1.65
C ASN A 294 -25.73 15.77 3.17
N ALA A 295 -26.81 15.26 3.77
CA ALA A 295 -26.86 15.08 5.22
C ALA A 295 -25.80 14.09 5.68
N ALA A 296 -25.61 13.01 4.92
CA ALA A 296 -24.63 11.99 5.31
C ALA A 296 -23.21 12.54 5.19
N LEU A 297 -22.97 13.37 4.18
CA LEU A 297 -21.65 14.00 4.01
C LEU A 297 -21.41 14.97 5.17
N ALA A 298 -22.46 15.73 5.52
CA ALA A 298 -22.36 16.76 6.54
C ALA A 298 -22.13 16.15 7.92
N SER A 299 -22.68 14.97 8.16
CA SER A 299 -22.57 14.31 9.45
C SER A 299 -21.31 13.42 9.54
N GLY A 300 -20.63 13.23 8.41
CA GLY A 300 -19.44 12.39 8.38
C GLY A 300 -19.74 10.91 8.31
N LYS A 301 -20.98 10.55 7.96
CA LYS A 301 -21.32 9.15 7.76
C LYS A 301 -20.84 8.65 6.38
N ALA A 302 -20.54 9.59 5.48
CA ALA A 302 -20.07 9.22 4.13
C ALA A 302 -19.04 10.22 3.64
N ASP A 303 -18.19 9.76 2.75
CA ASP A 303 -17.30 10.65 2.01
C ASP A 303 -17.78 10.88 0.57
N ALA A 304 -18.53 9.94 0.04
CA ALA A 304 -19.20 10.14 -1.24
C ALA A 304 -20.45 9.27 -1.27
N VAL A 305 -21.29 9.45 -2.28
CA VAL A 305 -22.57 8.74 -2.37
C VAL A 305 -22.78 8.21 -3.78
N ALA A 306 -23.05 6.91 -3.91
CA ALA A 306 -23.35 6.30 -5.20
C ALA A 306 -24.86 6.24 -5.41
N PHE A 307 -25.27 6.58 -6.63
CA PHE A 307 -26.65 6.53 -7.06
C PHE A 307 -26.80 5.52 -8.18
N GLY A 308 -27.82 4.67 -8.09
CA GLY A 308 -28.06 3.63 -9.07
C GLY A 308 -29.17 4.03 -10.03
N VAL A 309 -30.42 3.75 -9.65
CA VAL A 309 -31.55 4.02 -10.53
C VAL A 309 -31.59 5.47 -11.02
N PRO A 310 -31.25 6.43 -10.15
CA PRO A 310 -31.27 7.80 -10.67
C PRO A 310 -30.27 8.04 -11.79
N PHE A 311 -29.15 7.33 -11.79
CA PHE A 311 -28.20 7.44 -12.91
C PHE A 311 -28.67 6.66 -14.14
N ILE A 312 -29.41 5.58 -13.95
CA ILE A 312 -30.05 4.93 -15.09
C ILE A 312 -30.89 5.96 -15.84
N ALA A 313 -31.70 6.68 -15.09
CA ALA A 313 -32.72 7.52 -15.71
C ALA A 313 -32.22 8.93 -16.02
N ASN A 314 -31.06 9.31 -15.48
CA ASN A 314 -30.59 10.67 -15.61
C ASN A 314 -29.10 10.75 -15.95
N PRO A 315 -28.78 10.82 -17.26
CA PRO A 315 -27.37 10.82 -17.66
C PRO A 315 -26.62 11.99 -17.04
N ASP A 316 -27.29 13.11 -16.92
CA ASP A 316 -26.69 14.31 -16.34
C ASP A 316 -27.17 14.52 -14.91
N LEU A 317 -27.23 13.43 -14.14
CA LEU A 317 -27.65 13.53 -12.76
C LEU A 317 -26.88 14.64 -12.00
N PRO A 318 -25.56 14.72 -12.16
CA PRO A 318 -24.93 15.76 -11.33
C PRO A 318 -25.47 17.17 -11.62
N ALA A 319 -25.63 17.54 -12.88
CA ALA A 319 -26.17 18.86 -13.23
C ALA A 319 -27.60 19.04 -12.69
N ARG A 320 -28.38 17.96 -12.73
CA ARG A 320 -29.77 18.01 -12.27
C ARG A 320 -29.81 18.24 -10.76
N LEU A 321 -28.94 17.54 -10.03
CA LEU A 321 -28.87 17.72 -8.58
C LEU A 321 -28.38 19.12 -8.20
N ALA A 322 -27.37 19.63 -8.90
CA ALA A 322 -26.87 20.97 -8.66
C ALA A 322 -28.00 22.00 -8.81
N ALA A 323 -28.88 21.78 -9.78
CA ALA A 323 -29.93 22.74 -10.10
C ALA A 323 -31.26 22.48 -9.41
N ASP A 324 -31.30 21.51 -8.50
CA ASP A 324 -32.56 21.04 -7.92
C ASP A 324 -33.62 20.85 -9.00
N ALA A 325 -33.19 20.35 -10.16
CA ALA A 325 -34.08 20.17 -11.29
C ALA A 325 -34.93 18.92 -11.15
N PRO A 326 -35.99 18.82 -11.96
CA PRO A 326 -36.76 17.57 -12.05
C PRO A 326 -35.86 16.43 -12.50
N LEU A 327 -36.18 15.22 -12.07
CA LEU A 327 -35.48 14.03 -12.50
C LEU A 327 -36.43 13.21 -13.39
N ASN A 328 -35.92 12.66 -14.48
CA ASN A 328 -36.64 11.70 -15.28
C ASN A 328 -37.09 10.52 -14.46
N GLU A 329 -38.27 10.02 -14.77
CA GLU A 329 -38.79 8.83 -14.11
C GLU A 329 -38.12 7.60 -14.75
N ALA A 330 -37.64 6.69 -13.91
CA ALA A 330 -37.01 5.47 -14.38
C ALA A 330 -38.03 4.46 -14.90
N HIS A 331 -37.64 3.66 -15.90
CA HIS A 331 -38.50 2.63 -16.48
C HIS A 331 -37.90 1.26 -16.18
N PRO A 332 -38.31 0.65 -15.06
CA PRO A 332 -37.70 -0.63 -14.69
C PRO A 332 -37.89 -1.75 -15.72
N GLU A 333 -38.86 -1.62 -16.61
CA GLU A 333 -39.10 -2.67 -17.61
C GLU A 333 -37.96 -2.76 -18.65
N THR A 334 -37.12 -1.74 -18.72
CA THR A 334 -35.99 -1.78 -19.65
C THR A 334 -34.63 -1.67 -18.93
N PHE A 335 -34.61 -1.88 -17.61
CA PHE A 335 -33.34 -1.94 -16.89
C PHE A 335 -32.47 -3.01 -17.51
N TYR A 336 -33.09 -4.14 -17.85
CA TYR A 336 -32.38 -5.25 -18.45
C TYR A 336 -32.91 -5.34 -19.87
N GLY A 337 -32.89 -6.50 -20.50
CA GLY A 337 -33.36 -6.60 -21.88
C GLY A 337 -32.32 -6.06 -22.86
N LYS A 338 -32.75 -5.51 -24.00
CA LYS A 338 -31.83 -5.26 -25.11
C LYS A 338 -31.99 -3.91 -25.80
N GLY A 339 -30.88 -3.42 -26.37
CA GLY A 339 -30.92 -2.28 -27.25
C GLY A 339 -30.96 -0.94 -26.55
N PRO A 340 -31.08 0.13 -27.34
CA PRO A 340 -30.98 1.51 -26.86
C PRO A 340 -32.20 2.01 -26.08
N VAL A 341 -33.38 1.43 -26.27
CA VAL A 341 -34.56 1.91 -25.58
C VAL A 341 -34.45 1.65 -24.08
N GLY A 342 -34.63 2.72 -23.31
CA GLY A 342 -34.44 2.66 -21.88
C GLY A 342 -32.99 2.54 -21.46
N TYR A 343 -32.06 2.87 -22.36
CA TYR A 343 -30.62 2.75 -22.10
C TYR A 343 -29.91 4.07 -22.41
N ILE A 344 -29.97 4.51 -23.67
CA ILE A 344 -29.36 5.77 -24.03
C ILE A 344 -30.36 6.84 -24.45
N ASP A 345 -31.64 6.61 -24.17
CA ASP A 345 -32.66 7.56 -24.63
C ASP A 345 -33.36 8.33 -23.50
N TYR A 346 -32.81 8.29 -22.29
CA TYR A 346 -33.24 9.21 -21.25
C TYR A 346 -32.61 10.58 -21.53
N PRO A 347 -33.44 11.62 -21.62
CA PRO A 347 -32.90 12.92 -22.05
C PRO A 347 -32.11 13.66 -20.99
N ARG A 348 -31.26 14.55 -21.48
CA ARG A 348 -30.58 15.49 -20.62
C ARG A 348 -31.49 16.69 -20.43
N LEU A 349 -31.16 17.48 -19.43
CA LEU A 349 -31.85 18.74 -19.15
C LEU A 349 -31.78 19.71 -20.33
N LYS A 350 -32.88 20.42 -20.57
CA LYS A 350 -32.95 21.40 -21.65
C LYS A 350 -32.81 22.82 -21.11
N THR B 2 25.55 -21.18 2.17
CA THR B 2 24.64 -20.06 2.36
C THR B 2 24.56 -19.20 1.12
N THR B 3 23.36 -19.01 0.59
CA THR B 3 23.15 -18.11 -0.54
C THR B 3 22.19 -17.01 -0.13
N LEU B 4 21.98 -16.05 -1.03
CA LEU B 4 21.05 -14.95 -0.82
C LEU B 4 19.63 -15.44 -0.55
N PHE B 5 19.31 -16.66 -0.97
CA PHE B 5 17.94 -17.13 -0.91
C PHE B 5 17.64 -17.99 0.32
N ASP B 6 18.63 -18.18 1.17
CA ASP B 6 18.42 -18.94 2.39
C ASP B 6 17.80 -18.04 3.46
N PRO B 7 16.78 -18.54 4.15
CA PRO B 7 16.20 -17.76 5.24
C PRO B 7 17.22 -17.42 6.32
N ILE B 8 16.97 -16.33 7.05
CA ILE B 8 17.84 -15.96 8.18
C ILE B 8 17.00 -15.37 9.31
N LYS B 9 17.44 -15.58 10.54
CA LYS B 9 16.80 -14.94 11.69
C LYS B 9 17.60 -13.71 12.11
N LEU B 10 16.92 -12.57 12.21
CA LEU B 10 17.47 -11.38 12.85
C LEU B 10 16.72 -11.20 14.18
N GLY B 11 17.43 -11.34 15.28
CA GLY B 11 16.77 -11.40 16.58
C GLY B 11 15.83 -12.60 16.53
N ASP B 12 14.58 -12.38 16.93
CA ASP B 12 13.58 -13.44 16.91
C ASP B 12 12.78 -13.44 15.60
N LEU B 13 13.10 -12.52 14.70
CA LEU B 13 12.33 -12.35 13.47
C LEU B 13 12.88 -13.22 12.34
N GLN B 14 12.02 -14.08 11.79
CA GLN B 14 12.37 -14.94 10.69
C GLN B 14 12.21 -14.19 9.35
N LEU B 15 13.30 -14.05 8.60
CA LEU B 15 13.24 -13.49 7.23
C LEU B 15 13.25 -14.63 6.20
N PRO B 16 12.53 -14.46 5.10
CA PRO B 16 12.47 -15.52 4.08
C PRO B 16 13.70 -15.59 3.17
N ASN B 17 14.54 -14.57 3.20
CA ASN B 17 15.79 -14.55 2.42
C ASN B 17 16.75 -13.52 3.02
N ARG B 18 17.95 -13.45 2.46
CA ARG B 18 18.99 -12.55 2.95
C ARG B 18 19.20 -11.37 2.00
N ILE B 19 18.16 -11.06 1.23
CA ILE B 19 18.18 -9.90 0.33
C ILE B 19 17.52 -8.72 1.04
N ILE B 20 18.32 -7.79 1.55
CA ILE B 20 17.81 -6.71 2.38
C ILE B 20 17.65 -5.44 1.55
N MET B 21 16.59 -4.68 1.77
CA MET B 21 16.46 -3.41 1.06
C MET B 21 17.14 -2.34 1.88
N ALA B 22 18.16 -1.72 1.31
CA ALA B 22 18.92 -0.70 2.03
C ALA B 22 18.02 0.50 2.31
N PRO B 23 18.36 1.28 3.35
CA PRO B 23 17.68 2.54 3.65
C PRO B 23 17.93 3.56 2.55
N LEU B 24 16.84 4.12 2.01
CA LEU B 24 16.93 5.02 0.85
C LEU B 24 16.05 6.24 1.01
N THR B 25 16.68 7.41 1.18
CA THR B 25 15.97 8.68 1.19
C THR B 25 15.41 8.98 -0.19
N ARG B 26 14.11 9.26 -0.29
CA ARG B 26 13.47 9.50 -1.58
C ARG B 26 12.69 10.82 -1.65
N CYS B 27 12.45 11.45 -0.51
CA CYS B 27 11.84 12.80 -0.50
C CYS B 27 10.40 12.81 -1.04
N ARG B 28 9.65 11.77 -0.71
CA ARG B 28 8.28 11.65 -1.21
C ARG B 28 7.20 11.96 -0.16
N ALA B 29 7.59 12.48 1.00
CA ALA B 29 6.62 12.70 2.09
C ALA B 29 5.67 13.87 1.82
N ASP B 30 4.49 13.82 2.44
CA ASP B 30 3.55 14.95 2.44
C ASP B 30 4.08 16.11 3.29
N GLU B 31 3.40 17.24 3.18
CA GLU B 31 3.70 18.40 4.00
C GLU B 31 3.71 18.00 5.47
N GLY B 32 4.54 18.66 6.27
CA GLY B 32 4.67 18.28 7.66
C GLY B 32 5.56 17.06 7.83
N ARG B 33 6.19 16.63 6.75
CA ARG B 33 7.08 15.46 6.77
C ARG B 33 6.30 14.22 7.26
N VAL B 34 5.11 14.06 6.69
CA VAL B 34 4.20 12.99 7.04
C VAL B 34 4.18 11.93 5.94
N PRO B 35 4.34 10.66 6.31
CA PRO B 35 4.25 9.57 5.33
C PRO B 35 2.85 9.46 4.74
N ASN B 36 2.77 9.00 3.50
CA ASN B 36 1.52 9.05 2.76
C ASN B 36 1.28 7.76 2.01
N ALA B 37 0.22 7.73 1.20
CA ALA B 37 -0.20 6.51 0.52
C ALA B 37 0.77 6.13 -0.58
N LEU B 38 1.38 7.12 -1.22
CA LEU B 38 2.37 6.87 -2.26
C LEU B 38 3.56 6.10 -1.67
N MET B 39 4.04 6.54 -0.52
CA MET B 39 5.15 5.84 0.15
C MET B 39 4.73 4.42 0.53
N ALA B 40 3.53 4.25 1.03
CA ALA B 40 3.06 2.93 1.39
C ALA B 40 3.05 2.03 0.15
N GLU B 41 2.59 2.56 -0.98
CA GLU B 41 2.53 1.75 -2.20
C GLU B 41 3.93 1.26 -2.57
N TYR B 42 4.89 2.17 -2.53
CA TYR B 42 6.28 1.89 -2.89
C TYR B 42 6.87 0.78 -2.02
N TYR B 43 6.66 0.87 -0.71
CA TYR B 43 7.20 -0.15 0.18
C TYR B 43 6.51 -1.49 -0.04
N VAL B 44 5.20 -1.46 -0.22
CA VAL B 44 4.46 -2.69 -0.51
C VAL B 44 5.00 -3.39 -1.76
N GLN B 45 5.30 -2.62 -2.81
CA GLN B 45 5.89 -3.20 -4.03
C GLN B 45 7.17 -3.98 -3.75
N ARG B 46 7.87 -3.59 -2.69
CA ARG B 46 9.16 -4.20 -2.35
C ARG B 46 9.07 -5.15 -1.14
N ALA B 47 7.87 -5.63 -0.83
CA ALA B 47 7.67 -6.41 0.40
C ALA B 47 8.28 -7.83 0.36
N SER B 48 8.73 -8.27 -0.81
CA SER B 48 9.40 -9.57 -0.90
C SER B 48 10.84 -9.49 -0.36
N ALA B 49 11.30 -8.28 -0.06
CA ALA B 49 12.60 -8.15 0.60
C ALA B 49 12.63 -8.97 1.89
N GLY B 50 13.77 -9.59 2.19
CA GLY B 50 13.92 -10.30 3.46
C GLY B 50 13.57 -9.37 4.61
N LEU B 51 14.15 -8.17 4.57
CA LEU B 51 13.76 -7.09 5.44
C LEU B 51 13.91 -5.77 4.70
N ILE B 52 12.97 -4.86 4.92
CA ILE B 52 13.10 -3.49 4.46
C ILE B 52 13.66 -2.60 5.56
N LEU B 53 14.76 -1.93 5.27
CA LEU B 53 15.23 -0.81 6.10
C LEU B 53 14.67 0.47 5.47
N SER B 54 13.89 1.22 6.25
CA SER B 54 13.18 2.39 5.73
C SER B 54 14.14 3.53 5.38
N GLU B 55 13.67 4.47 4.56
CA GLU B 55 14.37 5.73 4.40
C GLU B 55 14.69 6.33 5.76
N ALA B 56 15.79 7.07 5.81
CA ALA B 56 16.17 7.79 7.01
C ALA B 56 15.05 8.72 7.49
N THR B 57 14.73 8.62 8.77
CA THR B 57 13.55 9.31 9.31
C THR B 57 13.96 10.10 10.54
N SER B 58 13.86 11.42 10.46
CA SER B 58 14.38 12.30 11.51
CA SER B 58 14.38 12.32 11.50
C SER B 58 13.59 12.25 12.81
N VAL B 59 14.31 12.21 13.93
CA VAL B 59 13.71 12.12 15.25
C VAL B 59 13.36 13.48 15.83
N SER B 60 13.69 14.54 15.12
CA SER B 60 13.25 15.86 15.57
C SER B 60 13.38 16.90 14.47
N PRO B 61 12.71 18.06 14.66
CA PRO B 61 12.77 19.13 13.66
C PRO B 61 14.18 19.69 13.46
N MET B 62 15.04 19.60 14.46
CA MET B 62 16.41 20.09 14.29
C MET B 62 17.33 19.06 13.63
N GLY B 63 16.78 17.88 13.37
CA GLY B 63 17.53 16.82 12.70
C GLY B 63 17.16 16.55 11.26
N VAL B 64 16.57 17.53 10.57
CA VAL B 64 16.31 17.42 9.13
C VAL B 64 17.32 18.23 8.28
N GLY B 65 17.57 17.77 7.06
CA GLY B 65 18.53 18.44 6.18
C GLY B 65 18.23 18.35 4.70
N TYR B 66 17.04 17.81 4.38
CA TYR B 66 16.61 17.56 3.01
C TYR B 66 15.11 17.86 2.91
N PRO B 67 14.61 18.11 1.70
CA PRO B 67 13.18 18.43 1.61
C PRO B 67 12.29 17.18 1.63
N ASP B 68 11.12 17.30 2.28
CA ASP B 68 10.07 16.26 2.20
C ASP B 68 10.57 14.88 2.62
N THR B 69 11.53 14.84 3.55
CA THR B 69 11.90 13.57 4.16
C THR B 69 11.09 13.43 5.45
N PRO B 70 10.65 12.21 5.79
CA PRO B 70 9.71 12.04 6.90
C PRO B 70 10.31 12.17 8.31
N GLY B 71 9.45 12.46 9.28
CA GLY B 71 9.82 12.50 10.68
C GLY B 71 9.11 11.43 11.47
N ILE B 72 9.47 11.29 12.74
CA ILE B 72 8.82 10.32 13.61
C ILE B 72 8.62 10.93 15.00
N TRP B 73 8.52 12.26 15.06
CA TRP B 73 8.44 12.96 16.34
C TRP B 73 7.04 13.37 16.78
N ASN B 74 6.04 13.28 15.90
CA ASN B 74 4.66 13.67 16.28
C ASN B 74 3.59 12.68 15.83
N ASP B 75 2.36 12.89 16.29
CA ASP B 75 1.31 11.90 16.11
CA ASP B 75 1.31 11.89 16.11
C ASP B 75 0.85 11.78 14.66
N GLU B 76 0.88 12.89 13.95
CA GLU B 76 0.46 12.88 12.55
C GLU B 76 1.44 12.01 11.75
N GLN B 77 2.72 12.08 12.09
CA GLN B 77 3.72 11.24 11.43
C GLN B 77 3.55 9.76 11.81
N VAL B 78 3.22 9.50 13.08
CA VAL B 78 2.99 8.12 13.52
C VAL B 78 1.82 7.51 12.73
N ARG B 79 0.77 8.29 12.54
CA ARG B 79 -0.41 7.78 11.85
C ARG B 79 -0.08 7.45 10.39
N GLY B 80 0.68 8.32 9.75
CA GLY B 80 1.16 8.09 8.40
C GLY B 80 1.95 6.79 8.28
N TRP B 81 2.91 6.62 9.19
CA TRP B 81 3.76 5.42 9.18
C TRP B 81 2.93 4.18 9.47
N ASN B 82 1.91 4.34 10.31
CA ASN B 82 1.10 3.20 10.71
C ASN B 82 0.39 2.64 9.49
N ASN B 83 -0.05 3.50 8.59
CA ASN B 83 -0.63 3.02 7.33
C ASN B 83 0.41 2.31 6.44
N VAL B 84 1.66 2.76 6.48
CA VAL B 84 2.71 2.08 5.73
C VAL B 84 2.98 0.68 6.28
N THR B 85 3.25 0.58 7.58
CA THR B 85 3.59 -0.73 8.14
C THR B 85 2.44 -1.72 8.06
N LYS B 86 1.20 -1.25 8.23
CA LYS B 86 0.06 -2.16 8.12
C LYS B 86 -0.02 -2.77 6.73
N ALA B 87 0.27 -1.97 5.71
CA ALA B 87 0.12 -2.43 4.33
C ALA B 87 1.29 -3.35 3.98
N VAL B 88 2.48 -3.00 4.43
CA VAL B 88 3.67 -3.87 4.24
C VAL B 88 3.41 -5.23 4.90
N HIS B 89 2.84 -5.22 6.10
CA HIS B 89 2.55 -6.48 6.78
C HIS B 89 1.44 -7.28 6.09
N ALA B 90 0.45 -6.59 5.55
CA ALA B 90 -0.65 -7.30 4.88
C ALA B 90 -0.13 -7.96 3.61
N ALA B 91 0.94 -7.40 3.04
CA ALA B 91 1.56 -7.93 1.83
C ALA B 91 2.67 -8.95 2.16
N GLY B 92 2.81 -9.28 3.44
CA GLY B 92 3.73 -10.32 3.88
C GLY B 92 5.17 -9.88 4.07
N GLY B 93 5.42 -8.57 4.17
CA GLY B 93 6.76 -8.05 4.35
C GLY B 93 7.10 -7.70 5.80
N ARG B 94 8.34 -7.25 6.01
CA ARG B 94 8.82 -6.83 7.34
C ARG B 94 9.62 -5.55 7.18
N ILE B 95 9.53 -4.63 8.14
CA ILE B 95 10.18 -3.33 7.98
C ILE B 95 10.68 -2.70 9.29
N PHE B 96 11.91 -2.16 9.27
CA PHE B 96 12.48 -1.39 10.38
C PHE B 96 12.54 0.09 10.01
N LEU B 97 12.31 0.96 10.99
CA LEU B 97 12.44 2.39 10.74
C LEU B 97 13.85 2.82 11.09
N GLN B 98 14.52 3.54 10.18
CA GLN B 98 15.86 4.04 10.42
C GLN B 98 15.78 5.40 11.09
N LEU B 99 16.26 5.48 12.33
CA LEU B 99 16.19 6.74 13.09
C LEU B 99 17.37 7.66 12.79
N TRP B 100 17.05 8.92 12.46
CA TRP B 100 18.01 9.85 11.87
C TRP B 100 18.10 11.16 12.62
N HIS B 101 19.31 11.71 12.71
CA HIS B 101 19.49 13.14 13.01
C HIS B 101 20.66 13.58 12.14
N VAL B 102 20.47 14.57 11.28
CA VAL B 102 21.53 14.93 10.33
C VAL B 102 22.68 15.70 10.94
N GLY B 103 22.49 16.27 12.11
CA GLY B 103 23.55 17.04 12.73
C GLY B 103 23.99 18.17 11.81
N ARG B 104 25.28 18.33 11.66
CA ARG B 104 25.84 19.46 10.90
C ARG B 104 25.52 19.44 9.41
N ILE B 105 25.02 18.31 8.90
CA ILE B 105 24.75 18.18 7.46
C ILE B 105 23.34 18.70 7.15
N SER B 106 23.22 20.03 7.21
CA SER B 106 21.92 20.68 7.02
C SER B 106 22.15 22.15 6.67
N HIS B 107 21.08 22.93 6.68
CA HIS B 107 21.11 24.33 6.28
C HIS B 107 20.03 25.08 7.05
N PRO B 108 20.30 26.34 7.47
CA PRO B 108 19.29 27.03 8.28
C PRO B 108 17.91 27.13 7.62
N SER B 109 17.82 26.98 6.30
CA SER B 109 16.54 27.12 5.60
C SER B 109 15.61 25.94 5.92
N TYR B 110 16.17 24.86 6.47
CA TYR B 110 15.39 23.71 6.92
C TYR B 110 15.07 23.80 8.41
N LEU B 111 15.69 24.75 9.11
CA LEU B 111 15.63 24.78 10.56
C LEU B 111 15.04 26.09 11.09
N ASN B 112 14.23 26.75 10.25
CA ASN B 112 13.62 28.04 10.62
C ASN B 112 14.66 29.10 11.00
N GLY B 113 15.79 29.07 10.30
CA GLY B 113 16.83 30.07 10.48
C GLY B 113 17.84 29.71 11.56
N GLU B 114 17.66 28.56 12.20
CA GLU B 114 18.59 28.12 13.24
C GLU B 114 19.80 27.42 12.60
N LEU B 115 20.92 27.36 13.32
CA LEU B 115 22.08 26.67 12.79
C LEU B 115 21.93 25.18 13.06
N PRO B 116 22.44 24.35 12.13
CA PRO B 116 22.62 22.92 12.37
C PRO B 116 23.39 22.70 13.67
N VAL B 117 23.11 21.63 14.40
CA VAL B 117 23.85 21.31 15.62
C VAL B 117 24.81 20.14 15.39
N ALA B 118 25.84 20.04 16.23
CA ALA B 118 26.93 19.07 16.04
C ALA B 118 27.72 18.96 17.34
N PRO B 119 28.62 17.98 17.44
CA PRO B 119 29.47 17.88 18.64
C PRO B 119 30.41 19.09 18.80
N SER B 120 30.88 19.62 17.67
CA SER B 120 31.86 20.71 17.67
C SER B 120 31.63 21.63 16.47
N ALA B 121 32.06 22.88 16.58
CA ALA B 121 31.80 23.88 15.55
C ALA B 121 32.78 23.77 14.39
N ILE B 122 32.57 22.76 13.56
CA ILE B 122 33.46 22.45 12.45
C ILE B 122 32.62 22.38 11.18
N GLN B 123 32.88 23.32 10.27
CA GLN B 123 32.11 23.41 9.04
C GLN B 123 32.45 22.25 8.11
N PRO B 124 31.45 21.48 7.69
CA PRO B 124 31.78 20.42 6.73
C PRO B 124 31.99 21.01 5.36
N LYS B 125 32.89 20.40 4.58
CA LYS B 125 33.18 20.83 3.22
C LYS B 125 32.03 20.53 2.25
N GLY B 126 32.05 21.21 1.12
CA GLY B 126 31.11 20.92 0.05
C GLY B 126 29.87 21.80 0.06
N HIS B 127 28.88 21.40 -0.72
CA HIS B 127 27.64 22.15 -0.84
C HIS B 127 26.45 21.33 -0.39
N VAL B 128 25.43 21.98 0.12
CA VAL B 128 24.23 21.31 0.57
C VAL B 128 23.53 20.65 -0.63
N SER B 129 23.24 19.35 -0.53
CA SER B 129 22.56 18.65 -1.61
C SER B 129 21.16 19.22 -1.87
N LEU B 130 20.80 19.35 -3.15
CA LEU B 130 19.46 19.74 -3.60
C LEU B 130 19.15 21.25 -3.52
N VAL B 131 19.82 21.96 -2.62
CA VAL B 131 19.57 23.39 -2.44
C VAL B 131 20.05 24.21 -3.65
N ARG B 132 19.25 25.21 -4.02
CA ARG B 132 19.61 26.09 -5.12
C ARG B 132 19.23 27.53 -4.78
N PRO B 133 20.10 28.48 -5.14
CA PRO B 133 21.40 28.19 -5.74
C PRO B 133 22.33 27.50 -4.77
N LEU B 134 23.39 26.92 -5.33
CA LEU B 134 24.41 26.21 -4.58
C LEU B 134 24.79 26.99 -3.31
N SER B 135 24.91 26.29 -2.19
CA SER B 135 25.33 26.91 -0.94
C SER B 135 26.29 26.03 -0.15
N ASP B 136 27.24 26.66 0.53
CA ASP B 136 28.09 25.94 1.48
C ASP B 136 27.27 25.53 2.69
N TYR B 137 27.80 24.60 3.47
CA TYR B 137 27.25 24.34 4.79
C TYR B 137 27.68 25.50 5.69
N PRO B 138 26.84 25.84 6.66
CA PRO B 138 27.26 26.80 7.69
C PRO B 138 28.18 26.09 8.68
N THR B 139 28.88 26.86 9.50
CA THR B 139 29.56 26.27 10.64
C THR B 139 28.45 25.93 11.64
N PRO B 140 28.42 24.66 12.12
CA PRO B 140 27.34 24.27 13.04
C PRO B 140 27.56 24.79 14.45
N ARG B 141 26.48 24.78 15.23
CA ARG B 141 26.56 25.10 16.65
C ARG B 141 26.93 23.86 17.46
N ALA B 142 27.94 24.00 18.31
CA ALA B 142 28.33 22.92 19.21
C ALA B 142 27.27 22.76 20.30
N LEU B 143 26.75 21.55 20.45
CA LEU B 143 25.71 21.29 21.44
C LEU B 143 26.24 21.48 22.86
N GLU B 144 25.38 21.94 23.76
CA GLU B 144 25.70 21.92 25.16
C GLU B 144 25.43 20.50 25.66
N THR B 145 26.17 20.07 26.69
CA THR B 145 25.96 18.77 27.30
C THR B 145 24.49 18.49 27.63
N GLU B 146 23.79 19.49 28.15
CA GLU B 146 22.41 19.33 28.55
C GLU B 146 21.53 19.10 27.32
N GLU B 147 21.93 19.68 26.19
CA GLU B 147 21.16 19.49 24.97
C GLU B 147 21.37 18.10 24.40
N ILE B 148 22.51 17.50 24.72
CA ILE B 148 22.78 16.14 24.29
C ILE B 148 21.78 15.20 24.95
N ASN B 149 21.43 15.46 26.21
CA ASN B 149 20.43 14.64 26.88
C ASN B 149 19.07 14.74 26.18
N ASP B 150 18.73 15.93 25.70
CA ASP B 150 17.51 16.14 24.96
C ASP B 150 17.51 15.34 23.66
N ILE B 151 18.68 15.20 23.04
CA ILE B 151 18.78 14.45 21.79
C ILE B 151 18.56 12.96 22.04
N VAL B 152 19.13 12.45 23.13
CA VAL B 152 18.89 11.06 23.50
C VAL B 152 17.39 10.84 23.72
N GLU B 153 16.72 11.78 24.37
CA GLU B 153 15.28 11.66 24.59
C GLU B 153 14.51 11.74 23.27
N ALA B 154 15.02 12.49 22.31
CA ALA B 154 14.36 12.57 20.99
C ALA B 154 14.44 11.21 20.30
N TYR B 155 15.60 10.55 20.36
CA TYR B 155 15.71 9.19 19.83
C TYR B 155 14.85 8.21 20.60
N ARG B 156 14.76 8.35 21.93
CA ARG B 156 13.94 7.43 22.73
C ARG B 156 12.47 7.55 22.34
N SER B 157 11.99 8.78 22.24
CA SER B 157 10.61 9.06 21.86
CA SER B 157 10.60 9.03 21.87
C SER B 157 10.37 8.64 20.42
N GLY B 158 11.39 8.80 19.59
CA GLY B 158 11.31 8.37 18.20
C GLY B 158 11.16 6.86 18.13
N ALA B 159 11.90 6.14 18.96
CA ALA B 159 11.80 4.68 18.98
C ALA B 159 10.42 4.25 19.50
N GLU B 160 9.94 4.94 20.53
CA GLU B 160 8.60 4.68 21.07
C GLU B 160 7.53 4.91 20.00
N ASN B 161 7.68 6.00 19.24
CA ASN B 161 6.71 6.33 18.20
C ASN B 161 6.74 5.30 17.07
N ALA B 162 7.94 4.82 16.75
CA ALA B 162 8.08 3.79 15.75
C ALA B 162 7.37 2.52 16.19
N LYS B 163 7.42 2.21 17.48
CA LYS B 163 6.79 1.01 17.99
C LYS B 163 5.28 1.19 17.85
N ALA B 164 4.79 2.38 18.23
CA ALA B 164 3.36 2.68 18.15
C ALA B 164 2.90 2.62 16.70
N ALA B 165 3.82 2.94 15.78
CA ALA B 165 3.52 2.96 14.35
C ALA B 165 3.56 1.57 13.70
N GLY B 166 3.91 0.55 14.47
CA GLY B 166 3.78 -0.83 14.01
C GLY B 166 4.99 -1.40 13.30
N PHE B 167 6.12 -0.71 13.33
CA PHE B 167 7.34 -1.28 12.75
C PHE B 167 7.71 -2.60 13.43
N ASP B 168 8.56 -3.38 12.75
CA ASP B 168 9.08 -4.61 13.34
C ASP B 168 10.30 -4.33 14.21
N GLY B 169 10.86 -3.14 14.07
CA GLY B 169 12.03 -2.74 14.83
C GLY B 169 12.58 -1.42 14.33
N VAL B 170 13.73 -1.01 14.88
CA VAL B 170 14.37 0.22 14.42
C VAL B 170 15.84 -0.01 14.11
N GLU B 171 16.38 0.79 13.18
CA GLU B 171 17.83 0.79 12.93
C GLU B 171 18.36 2.17 13.27
N ILE B 172 19.40 2.23 14.11
CA ILE B 172 20.03 3.51 14.44
C ILE B 172 20.91 3.93 13.27
N HIS B 173 20.68 5.13 12.74
CA HIS B 173 21.52 5.63 11.66
C HIS B 173 22.79 6.18 12.28
N GLY B 174 23.82 5.34 12.41
CA GLY B 174 25.09 5.78 12.96
C GLY B 174 26.13 5.97 11.86
N ALA B 175 25.67 6.30 10.65
CA ALA B 175 26.55 6.26 9.49
C ALA B 175 26.58 7.57 8.71
N ASN B 176 27.37 7.56 7.64
CA ASN B 176 27.35 8.58 6.59
C ASN B 176 27.50 10.02 7.06
N GLY B 177 28.23 10.20 8.14
CA GLY B 177 28.61 11.53 8.56
C GLY B 177 27.48 12.32 9.20
N TYR B 178 26.46 11.63 9.69
CA TYR B 178 25.36 12.31 10.35
C TYR B 178 25.66 12.44 11.84
N LEU B 179 24.69 12.84 12.67
CA LEU B 179 25.01 13.31 14.01
C LEU B 179 25.79 12.30 14.83
N LEU B 180 25.33 11.06 14.84
CA LEU B 180 26.00 10.05 15.65
C LEU B 180 27.41 9.76 15.18
N ASP B 181 27.59 9.80 13.86
CA ASP B 181 28.89 9.55 13.26
C ASP B 181 29.81 10.76 13.52
N GLN B 182 29.23 11.95 13.57
CA GLN B 182 29.99 13.16 13.89
C GLN B 182 30.57 13.06 15.32
N PHE B 183 29.79 12.56 16.25
CA PHE B 183 30.32 12.36 17.62
C PHE B 183 31.35 11.23 17.67
N LEU B 184 31.12 10.20 16.87
CA LEU B 184 31.98 9.02 16.90
C LEU B 184 33.43 9.26 16.44
N GLN B 185 33.65 10.14 15.47
CA GLN B 185 34.95 10.21 14.78
C GLN B 185 35.80 11.37 15.28
N SER B 186 37.11 11.17 15.30
CA SER B 186 38.02 12.14 15.95
C SER B 186 38.11 13.47 15.20
N SER B 187 37.94 13.45 13.89
CA SER B 187 38.07 14.69 13.11
C SER B 187 36.96 15.69 13.39
N THR B 188 35.77 15.18 13.72
CA THR B 188 34.58 16.01 13.85
C THR B 188 34.21 16.27 15.31
N ASN B 189 34.80 15.53 16.24
CA ASN B 189 34.52 15.68 17.67
C ASN B 189 35.74 16.17 18.44
N GLN B 190 35.72 17.44 18.83
CA GLN B 190 36.78 18.04 19.65
C GLN B 190 36.25 18.40 21.05
N ARG B 191 35.21 17.72 21.49
CA ARG B 191 34.60 18.02 22.78
C ARG B 191 35.50 17.64 23.94
N THR B 192 35.31 18.31 25.07
CA THR B 192 36.08 18.05 26.27
C THR B 192 35.19 17.67 27.45
N ASP B 193 33.89 17.48 27.20
CA ASP B 193 33.02 16.89 28.23
C ASP B 193 33.00 15.36 28.06
N ARG B 194 32.01 14.70 28.67
CA ARG B 194 31.96 13.24 28.65
C ARG B 194 31.68 12.67 27.26
N TYR B 195 31.35 13.52 26.30
CA TYR B 195 31.02 13.06 24.95
C TYR B 195 32.13 13.27 23.92
N GLY B 196 33.34 13.56 24.38
CA GLY B 196 34.49 13.60 23.49
C GLY B 196 35.78 13.43 24.25
N GLY B 197 36.90 13.31 23.53
CA GLY B 197 38.21 13.32 24.17
C GLY B 197 38.82 11.95 24.45
N SER B 198 38.06 10.91 24.13
CA SER B 198 38.52 9.53 24.18
C SER B 198 37.59 8.70 23.33
N LEU B 199 37.99 7.47 23.01
CA LEU B 199 37.15 6.56 22.23
C LEU B 199 35.85 6.21 22.95
N GLU B 200 35.94 5.85 24.22
CA GLU B 200 34.74 5.62 24.99
C GLU B 200 33.80 6.82 24.92
N ASN B 201 34.36 8.01 25.08
CA ASN B 201 33.53 9.21 25.13
C ASN B 201 32.92 9.54 23.76
N ARG B 202 33.68 9.30 22.68
CA ARG B 202 33.18 9.58 21.33
C ARG B 202 32.06 8.62 20.96
N ALA B 203 32.18 7.36 21.38
CA ALA B 203 31.14 6.36 21.07
C ALA B 203 29.93 6.49 21.99
N ARG B 204 30.04 7.35 23.00
CA ARG B 204 29.05 7.36 24.06
C ARG B 204 27.65 7.69 23.54
N LEU B 205 27.52 8.71 22.68
CA LEU B 205 26.20 9.11 22.22
C LEU B 205 25.54 7.99 21.39
N LEU B 206 26.26 7.42 20.44
CA LEU B 206 25.74 6.28 19.68
C LEU B 206 25.23 5.18 20.63
N LEU B 207 26.01 4.84 21.64
CA LEU B 207 25.63 3.74 22.53
C LEU B 207 24.46 4.12 23.44
N GLU B 208 24.39 5.38 23.87
CA GLU B 208 23.27 5.83 24.72
C GLU B 208 21.98 5.82 23.92
N VAL B 209 22.07 6.19 22.64
CA VAL B 209 20.91 6.20 21.79
C VAL B 209 20.47 4.75 21.52
N THR B 210 21.44 3.87 21.28
CA THR B 210 21.13 2.46 21.06
C THR B 210 20.47 1.90 22.34
N ASP B 211 20.99 2.24 23.51
CA ASP B 211 20.41 1.75 24.75
C ASP B 211 18.99 2.29 24.97
N ALA B 212 18.71 3.50 24.52
CA ALA B 212 17.35 4.03 24.61
C ALA B 212 16.44 3.17 23.72
N ALA B 213 16.90 2.86 22.51
CA ALA B 213 16.12 2.03 21.59
C ALA B 213 15.91 0.64 22.18
N ILE B 214 16.95 0.09 22.81
CA ILE B 214 16.88 -1.23 23.43
C ILE B 214 15.83 -1.24 24.54
N GLU B 215 15.77 -0.17 25.32
CA GLU B 215 14.77 -0.05 26.37
C GLU B 215 13.33 -0.12 25.83
N VAL B 216 13.10 0.49 24.67
CA VAL B 216 11.77 0.47 24.06
C VAL B 216 11.44 -0.86 23.38
N TRP B 217 12.44 -1.46 22.71
CA TRP B 217 12.20 -2.53 21.73
C TRP B 217 12.71 -3.88 22.15
N GLY B 218 13.73 -3.87 22.99
CA GLY B 218 14.51 -5.07 23.24
C GLY B 218 15.61 -5.13 22.19
N ALA B 219 16.79 -5.56 22.59
CA ALA B 219 17.94 -5.62 21.69
C ALA B 219 17.64 -6.41 20.41
N GLN B 220 16.78 -7.42 20.49
CA GLN B 220 16.50 -8.29 19.34
C GLN B 220 15.76 -7.59 18.22
N ARG B 221 15.31 -6.36 18.47
CA ARG B 221 14.60 -5.60 17.44
C ARG B 221 15.28 -4.28 17.15
N VAL B 222 16.59 -4.19 17.45
CA VAL B 222 17.36 -2.98 17.12
C VAL B 222 18.57 -3.33 16.27
N GLY B 223 18.77 -2.59 15.18
CA GLY B 223 19.99 -2.72 14.37
C GLY B 223 20.73 -1.40 14.39
N VAL B 224 21.96 -1.41 13.88
CA VAL B 224 22.76 -0.19 13.77
C VAL B 224 23.41 -0.13 12.40
N HIS B 225 23.31 1.05 11.77
CA HIS B 225 23.94 1.30 10.48
C HIS B 225 25.27 2.01 10.70
N LEU B 226 26.32 1.55 10.03
CA LEU B 226 27.65 2.18 10.12
C LEU B 226 28.24 2.43 8.72
N ALA B 227 29.21 3.35 8.63
CA ALA B 227 29.94 3.66 7.40
C ALA B 227 31.43 3.61 7.74
N PRO B 228 31.99 2.39 7.83
CA PRO B 228 33.32 2.29 8.44
C PRO B 228 34.49 2.83 7.60
N ARG B 229 34.26 3.17 6.33
CA ARG B 229 35.32 3.74 5.50
C ARG B 229 35.38 5.27 5.61
N ALA B 230 34.44 5.85 6.36
CA ALA B 230 34.47 7.28 6.72
C ALA B 230 34.59 8.15 5.48
N ASP B 231 33.83 7.80 4.44
CA ASP B 231 34.06 8.35 3.11
C ASP B 231 32.91 9.22 2.55
N ALA B 232 31.97 9.57 3.41
CA ALA B 232 30.87 10.42 3.02
C ALA B 232 30.67 11.57 4.00
N HIS B 233 30.39 12.75 3.45
CA HIS B 233 30.13 13.97 4.20
C HIS B 233 31.30 14.44 5.06
N ASP B 234 32.50 14.44 4.47
CA ASP B 234 33.66 15.08 5.09
C ASP B 234 34.00 14.49 6.45
N MET B 235 33.99 13.17 6.53
CA MET B 235 34.38 12.49 7.77
C MET B 235 35.86 12.14 7.81
N GLY B 236 36.26 11.41 8.85
CA GLY B 236 37.67 11.09 9.04
C GLY B 236 37.93 10.79 10.51
N ASP B 237 38.66 9.72 10.75
CA ASP B 237 38.93 9.25 12.11
C ASP B 237 40.38 8.78 12.16
N ALA B 238 41.06 9.05 13.27
CA ALA B 238 42.50 8.80 13.36
C ALA B 238 42.83 7.31 13.46
N ASP B 239 41.85 6.48 13.83
CA ASP B 239 42.06 5.04 13.90
C ASP B 239 40.72 4.33 13.69
N ARG B 240 40.23 4.27 12.47
CA ARG B 240 38.87 3.77 12.31
C ARG B 240 38.81 2.26 12.59
N ALA B 241 39.92 1.54 12.41
CA ALA B 241 39.92 0.12 12.74
C ALA B 241 39.61 -0.03 14.23
N GLU B 242 40.19 0.82 15.06
CA GLU B 242 39.95 0.77 16.50
C GLU B 242 38.54 1.28 16.82
N THR B 243 38.15 2.39 16.21
CA THR B 243 36.89 3.03 16.54
C THR B 243 35.72 2.11 16.22
N PHE B 244 35.73 1.55 15.02
CA PHE B 244 34.60 0.75 14.58
C PHE B 244 34.55 -0.65 15.19
N THR B 245 35.68 -1.25 15.54
CA THR B 245 35.62 -2.54 16.23
C THR B 245 35.25 -2.35 17.70
N TYR B 246 35.56 -1.19 18.29
CA TYR B 246 35.10 -0.91 19.67
C TYR B 246 33.56 -0.82 19.68
N VAL B 247 33.02 -0.06 18.75
CA VAL B 247 31.58 0.00 18.58
C VAL B 247 30.99 -1.40 18.36
N ALA B 248 31.59 -2.18 17.48
CA ALA B 248 31.09 -3.53 17.19
C ALA B 248 31.06 -4.41 18.44
N ARG B 249 32.14 -4.36 19.21
CA ARG B 249 32.24 -5.13 20.46
C ARG B 249 31.15 -4.73 21.43
N GLU B 250 30.96 -3.42 21.56
CA GLU B 250 29.96 -2.92 22.49
C GLU B 250 28.56 -3.29 22.04
N LEU B 251 28.29 -3.24 20.74
CA LEU B 251 26.96 -3.61 20.25
C LEU B 251 26.71 -5.09 20.43
N GLY B 252 27.75 -5.89 20.25
CA GLY B 252 27.68 -7.32 20.45
C GLY B 252 27.34 -7.66 21.90
N LYS B 253 27.93 -6.95 22.85
CA LYS B 253 27.62 -7.16 24.27
C LYS B 253 26.11 -7.01 24.51
N ARG B 254 25.45 -6.14 23.74
CA ARG B 254 24.03 -5.86 23.95
C ARG B 254 23.13 -6.85 23.22
N GLY B 255 23.75 -7.69 22.40
CA GLY B 255 23.01 -8.68 21.65
C GLY B 255 22.03 -8.09 20.65
N ILE B 256 22.40 -7.01 19.97
CA ILE B 256 21.46 -6.41 19.04
C ILE B 256 21.26 -7.28 17.80
N ALA B 257 20.22 -6.96 17.03
CA ALA B 257 19.78 -7.86 15.97
C ALA B 257 20.79 -7.95 14.81
N PHE B 258 21.43 -6.83 14.47
CA PHE B 258 22.38 -6.81 13.36
C PHE B 258 23.13 -5.48 13.30
N ILE B 259 24.25 -5.51 12.60
CA ILE B 259 24.94 -4.29 12.16
C ILE B 259 24.91 -4.35 10.65
N CYS B 260 24.58 -3.22 10.01
CA CYS B 260 24.67 -3.13 8.56
C CYS B 260 25.67 -2.03 8.24
N SER B 261 26.65 -2.33 7.38
CA SER B 261 27.68 -1.35 7.05
C SER B 261 27.66 -1.00 5.58
N ARG B 262 27.61 0.29 5.27
CA ARG B 262 27.91 0.71 3.91
C ARG B 262 29.43 0.67 3.73
N GLU B 263 29.92 -0.37 3.07
CA GLU B 263 31.36 -0.51 2.84
C GLU B 263 31.58 -1.49 1.70
N ARG B 264 31.92 -0.96 0.54
CA ARG B 264 32.13 -1.83 -0.63
C ARG B 264 33.36 -2.68 -0.41
N GLU B 265 33.40 -3.86 -1.04
CA GLU B 265 34.55 -4.75 -0.90
CA GLU B 265 34.56 -4.75 -0.89
C GLU B 265 35.81 -4.19 -1.53
N ALA B 266 36.89 -4.20 -0.76
CA ALA B 266 38.21 -3.79 -1.18
C ALA B 266 39.20 -4.37 -0.17
N ASP B 267 40.47 -4.32 -0.51
CA ASP B 267 41.49 -4.87 0.36
C ASP B 267 41.48 -4.25 1.75
N ASP B 268 41.08 -2.99 1.88
CA ASP B 268 41.11 -2.32 3.18
C ASP B 268 39.76 -2.38 3.92
N SER B 269 38.81 -3.15 3.39
CA SER B 269 37.53 -3.32 4.07
C SER B 269 37.74 -3.84 5.49
N ILE B 270 37.20 -3.16 6.49
CA ILE B 270 37.35 -3.61 7.87
C ILE B 270 36.10 -4.36 8.34
N GLY B 271 35.14 -4.55 7.44
CA GLY B 271 33.96 -5.36 7.73
C GLY B 271 34.27 -6.66 8.45
N PRO B 272 35.28 -7.42 7.99
CA PRO B 272 35.50 -8.68 8.69
C PRO B 272 35.88 -8.48 10.17
N LEU B 273 36.58 -7.40 10.50
CA LEU B 273 36.95 -7.13 11.88
C LEU B 273 35.73 -6.74 12.73
N ILE B 274 34.86 -5.92 12.13
CA ILE B 274 33.61 -5.52 12.75
C ILE B 274 32.73 -6.75 12.97
N LYS B 275 32.65 -7.61 11.96
CA LYS B 275 31.80 -8.80 12.03
C LYS B 275 32.26 -9.71 13.15
N GLU B 276 33.55 -9.92 13.26
CA GLU B 276 34.10 -10.78 14.30
C GLU B 276 33.89 -10.21 15.72
N ALA B 277 34.17 -8.92 15.91
CA ALA B 277 34.03 -8.32 17.24
C ALA B 277 32.56 -8.25 17.70
N PHE B 278 31.66 -8.10 16.74
CA PHE B 278 30.22 -8.01 17.00
C PHE B 278 29.65 -9.37 17.38
N GLY B 279 29.91 -10.38 16.56
CA GLY B 279 29.47 -11.72 16.89
C GLY B 279 28.06 -12.08 16.44
N GLY B 280 27.31 -11.10 15.95
CA GLY B 280 25.94 -11.32 15.49
C GLY B 280 25.81 -11.15 13.99
N PRO B 281 24.58 -11.17 13.47
CA PRO B 281 24.39 -11.06 12.02
C PRO B 281 24.99 -9.78 11.45
N TYR B 282 25.72 -9.93 10.35
CA TYR B 282 26.41 -8.81 9.75
C TYR B 282 25.91 -8.61 8.32
N ILE B 283 25.40 -7.42 8.03
CA ILE B 283 24.82 -7.17 6.73
C ILE B 283 25.74 -6.24 5.96
N VAL B 284 26.26 -6.72 4.84
CA VAL B 284 27.16 -5.89 4.05
C VAL B 284 26.35 -5.16 2.99
N ASN B 285 26.99 -4.15 2.41
CA ASN B 285 26.33 -3.25 1.47
C ASN B 285 27.35 -2.40 0.73
N GLU B 286 26.96 -2.02 -0.50
CA GLU B 286 27.61 -1.02 -1.35
C GLU B 286 28.28 -1.70 -2.55
N ARG B 287 27.65 -1.53 -3.71
CA ARG B 287 28.14 -2.05 -4.99
C ARG B 287 28.16 -3.59 -5.07
N PHE B 288 27.38 -4.26 -4.24
CA PHE B 288 27.22 -5.70 -4.40
C PHE B 288 26.28 -6.06 -5.56
N ASP B 289 26.56 -7.16 -6.24
CA ASP B 289 25.60 -7.75 -7.17
C ASP B 289 25.36 -9.19 -6.77
N LYS B 290 24.55 -9.92 -7.53
CA LYS B 290 24.21 -11.28 -7.10
C LYS B 290 25.46 -12.14 -6.87
N ALA B 291 26.40 -12.09 -7.81
CA ALA B 291 27.57 -12.94 -7.71
C ALA B 291 28.42 -12.57 -6.48
N SER B 292 28.70 -11.28 -6.29
CA SER B 292 29.60 -10.89 -5.20
C SER B 292 28.91 -11.01 -3.85
N ALA B 293 27.58 -10.85 -3.83
CA ALA B 293 26.80 -11.06 -2.61
C ALA B 293 26.88 -12.54 -2.22
N ASN B 294 26.63 -13.42 -3.18
CA ASN B 294 26.73 -14.85 -2.91
C ASN B 294 28.16 -15.23 -2.50
N ALA B 295 29.16 -14.58 -3.08
CA ALA B 295 30.54 -14.89 -2.73
C ALA B 295 30.83 -14.45 -1.29
N ALA B 296 30.27 -13.31 -0.88
CA ALA B 296 30.45 -12.82 0.50
C ALA B 296 29.81 -13.75 1.51
N LEU B 297 28.64 -14.30 1.17
CA LEU B 297 27.93 -15.24 2.06
C LEU B 297 28.70 -16.56 2.16
N ALA B 298 29.21 -17.02 1.02
CA ALA B 298 29.94 -18.29 0.95
C ALA B 298 31.21 -18.22 1.76
N SER B 299 31.85 -17.05 1.77
CA SER B 299 33.16 -16.90 2.42
C SER B 299 33.06 -16.54 3.91
N GLY B 300 31.85 -16.26 4.38
CA GLY B 300 31.64 -15.91 5.78
C GLY B 300 31.92 -14.46 6.11
N LYS B 301 31.97 -13.61 5.09
CA LYS B 301 32.21 -12.19 5.31
C LYS B 301 30.89 -11.47 5.58
N ALA B 302 29.77 -12.15 5.31
CA ALA B 302 28.45 -11.56 5.46
C ALA B 302 27.42 -12.61 5.84
N ASP B 303 26.36 -12.18 6.53
CA ASP B 303 25.19 -13.02 6.80
C ASP B 303 24.00 -12.64 5.93
N ALA B 304 23.94 -11.37 5.54
CA ALA B 304 22.95 -10.93 4.57
C ALA B 304 23.53 -9.77 3.78
N VAL B 305 22.83 -9.34 2.74
CA VAL B 305 23.35 -8.29 1.89
C VAL B 305 22.22 -7.30 1.58
N ALA B 306 22.51 -6.01 1.74
CA ALA B 306 21.56 -4.94 1.47
C ALA B 306 21.86 -4.35 0.11
N PHE B 307 20.81 -4.13 -0.67
CA PHE B 307 20.95 -3.54 -2.00
C PHE B 307 20.16 -2.23 -2.02
N GLY B 308 20.76 -1.18 -2.56
CA GLY B 308 20.15 0.13 -2.55
C GLY B 308 19.58 0.45 -3.93
N VAL B 309 20.44 0.93 -4.83
CA VAL B 309 19.96 1.34 -6.13
C VAL B 309 19.20 0.22 -6.83
N PRO B 310 19.71 -1.02 -6.77
CA PRO B 310 18.94 -2.07 -7.46
C PRO B 310 17.49 -2.22 -6.93
N PHE B 311 17.26 -1.92 -5.66
CA PHE B 311 15.88 -1.95 -5.13
C PHE B 311 15.06 -0.71 -5.53
N ILE B 312 15.70 0.43 -5.76
CA ILE B 312 14.97 1.57 -6.30
C ILE B 312 14.33 1.13 -7.62
N ALA B 313 15.12 0.46 -8.45
CA ALA B 313 14.72 0.20 -9.84
C ALA B 313 14.00 -1.13 -10.03
N ASN B 314 14.07 -2.00 -9.03
CA ASN B 314 13.51 -3.35 -9.16
C ASN B 314 12.70 -3.72 -7.93
N PRO B 315 11.38 -3.49 -7.97
CA PRO B 315 10.58 -3.77 -6.76
C PRO B 315 10.64 -5.23 -6.38
N ASP B 316 10.74 -6.09 -7.39
CA ASP B 316 10.80 -7.53 -7.17
C ASP B 316 12.23 -8.02 -7.39
N LEU B 317 13.20 -7.30 -6.83
CA LEU B 317 14.60 -7.68 -6.94
C LEU B 317 14.84 -9.15 -6.55
N PRO B 318 14.25 -9.61 -5.43
CA PRO B 318 14.51 -11.02 -5.07
C PRO B 318 14.12 -12.03 -6.17
N ALA B 319 12.95 -11.85 -6.79
CA ALA B 319 12.52 -12.73 -7.87
C ALA B 319 13.46 -12.63 -9.07
N ARG B 320 13.88 -11.42 -9.38
CA ARG B 320 14.75 -11.21 -10.54
C ARG B 320 16.10 -11.84 -10.29
N LEU B 321 16.64 -11.73 -9.08
CA LEU B 321 17.93 -12.34 -8.76
C LEU B 321 17.80 -13.85 -8.84
N ALA B 322 16.70 -14.39 -8.33
CA ALA B 322 16.50 -15.83 -8.32
C ALA B 322 16.52 -16.42 -9.72
N ALA B 323 16.01 -15.66 -10.67
CA ALA B 323 15.80 -16.14 -12.04
C ALA B 323 16.92 -15.72 -13.00
N ASP B 324 17.91 -15.00 -12.48
CA ASP B 324 18.96 -14.38 -13.31
C ASP B 324 18.31 -13.54 -14.42
N ALA B 325 17.21 -12.90 -14.06
CA ALA B 325 16.47 -12.07 -15.01
C ALA B 325 17.14 -10.72 -15.22
N PRO B 326 16.82 -10.07 -16.35
CA PRO B 326 17.27 -8.69 -16.57
C PRO B 326 16.87 -7.81 -15.40
N LEU B 327 17.62 -6.75 -15.17
CA LEU B 327 17.26 -5.77 -14.15
C LEU B 327 16.91 -4.45 -14.81
N ASN B 328 15.86 -3.80 -14.31
CA ASN B 328 15.52 -2.45 -14.78
C ASN B 328 16.68 -1.51 -14.53
N GLU B 329 16.90 -0.60 -15.46
CA GLU B 329 17.93 0.44 -15.30
C GLU B 329 17.39 1.51 -14.37
N ALA B 330 18.24 1.97 -13.44
CA ALA B 330 17.85 3.03 -12.50
C ALA B 330 17.96 4.40 -13.18
N HIS B 331 17.12 5.33 -12.75
CA HIS B 331 17.15 6.70 -13.27
C HIS B 331 17.46 7.66 -12.13
N PRO B 332 18.74 8.01 -11.95
CA PRO B 332 19.14 8.80 -10.78
C PRO B 332 18.46 10.17 -10.70
N GLU B 333 18.03 10.69 -11.85
CA GLU B 333 17.40 11.99 -11.91
C GLU B 333 16.11 12.01 -11.08
N THR B 334 15.55 10.85 -10.78
CA THR B 334 14.32 10.82 -9.99
C THR B 334 14.50 10.08 -8.67
N PHE B 335 15.74 9.89 -8.23
CA PHE B 335 15.97 9.36 -6.90
C PHE B 335 15.33 10.26 -5.86
N TYR B 336 15.47 11.57 -6.04
CA TYR B 336 14.84 12.53 -5.16
C TYR B 336 13.73 13.28 -5.90
N GLY B 337 13.36 14.46 -5.42
CA GLY B 337 12.26 15.18 -6.05
C GLY B 337 10.94 14.56 -5.65
N LYS B 338 9.89 14.76 -6.43
CA LYS B 338 8.54 14.44 -5.95
C LYS B 338 7.74 13.51 -6.85
N GLY B 339 6.75 12.83 -6.26
CA GLY B 339 5.72 12.16 -7.04
C GLY B 339 6.05 10.75 -7.49
N PRO B 340 5.09 10.11 -8.19
CA PRO B 340 5.16 8.70 -8.59
C PRO B 340 6.24 8.38 -9.61
N VAL B 341 6.62 9.32 -10.46
CA VAL B 341 7.58 9.03 -11.52
C VAL B 341 8.97 8.74 -10.97
N GLY B 342 9.52 7.59 -11.36
CA GLY B 342 10.79 7.13 -10.83
C GLY B 342 10.71 6.63 -9.39
N TYR B 343 9.48 6.38 -8.92
CA TYR B 343 9.23 5.95 -7.55
C TYR B 343 8.44 4.63 -7.52
N ILE B 344 7.23 4.66 -8.04
CA ILE B 344 6.36 3.46 -8.04
C ILE B 344 6.17 2.90 -9.45
N ASP B 345 6.86 3.46 -10.44
CA ASP B 345 6.58 3.08 -11.81
C ASP B 345 7.66 2.21 -12.49
N TYR B 346 8.60 1.68 -11.73
CA TYR B 346 9.51 0.67 -12.25
C TYR B 346 8.77 -0.65 -12.26
N PRO B 347 8.76 -1.35 -13.42
CA PRO B 347 7.89 -2.53 -13.49
C PRO B 347 8.44 -3.78 -12.83
N ARG B 348 7.56 -4.61 -12.27
CA ARG B 348 7.95 -5.94 -11.84
C ARG B 348 8.03 -6.85 -13.08
N LEU B 349 8.61 -8.03 -12.93
CA LEU B 349 8.71 -8.99 -14.02
C LEU B 349 7.34 -9.39 -14.57
N LYS B 350 7.26 -9.59 -15.88
CA LYS B 350 6.05 -10.13 -16.49
C LYS B 350 5.68 -11.45 -15.82
N1 FMN C . -24.88 -3.69 -7.88
C2 FMN C . -23.64 -4.25 -8.13
O2 FMN C . -22.84 -4.29 -7.22
N3 FMN C . -23.31 -4.74 -9.39
C4 FMN C . -24.25 -4.66 -10.40
O4 FMN C . -23.98 -5.08 -11.53
C4A FMN C . -25.51 -4.11 -10.14
N5 FMN C . -26.46 -4.05 -11.12
C5A FMN C . -27.69 -3.46 -10.89
C6 FMN C . -28.62 -3.39 -11.92
C7 FMN C . -29.86 -2.82 -11.67
C7M FMN C . -30.84 -2.74 -12.81
C8 FMN C . -30.16 -2.31 -10.41
C8M FMN C . -31.52 -1.70 -10.16
C9 FMN C . -29.23 -2.39 -9.38
C9A FMN C . -28.00 -2.97 -9.63
N10 FMN C . -27.05 -3.05 -8.62
C10 FMN C . -25.82 -3.62 -8.88
C1' FMN C . -27.35 -2.49 -7.27
C2' FMN C . -27.02 -0.99 -7.35
O2' FMN C . -25.62 -0.79 -7.54
C3' FMN C . -27.45 -0.22 -6.09
O3' FMN C . -26.86 -0.80 -4.92
C4' FMN C . -28.97 -0.20 -5.96
O4' FMN C . -29.60 0.14 -7.19
C5' FMN C . -29.43 0.74 -4.86
O5' FMN C . -28.95 2.05 -5.07
P FMN C . -30.01 3.14 -5.63
O1P FMN C . -30.50 2.70 -6.98
O2P FMN C . -29.28 4.47 -5.66
O3P FMN C . -31.20 3.22 -4.70
H6 FMN C . -28.45 -3.94 -12.85
HM71 FMN C . -31.74 -2.25 -12.46
HM72 FMN C . -31.07 -3.75 -13.15
HM73 FMN C . -30.40 -2.16 -13.63
HM81 FMN C . -31.58 -1.37 -9.12
HM82 FMN C . -32.29 -2.43 -10.37
HM83 FMN C . -31.66 -0.84 -10.83
H9 FMN C . -29.41 -1.85 -8.45
C1 GOL D . -7.59 2.88 3.89
O1 GOL D . -7.76 3.63 2.70
C2 GOL D . -7.05 3.79 4.99
O2 GOL D . -6.90 3.08 6.19
C3 GOL D . -5.68 4.32 4.60
O3 GOL D . -4.76 3.25 4.58
H11 GOL D . -5.35 5.09 5.30
H12 GOL D . -5.73 4.79 3.60
HO1 GOL D . -3.89 3.57 4.26
H2 GOL D . -7.73 4.63 5.13
HO2 GOL D . -7.77 2.72 6.47
H31 GOL D . -6.89 2.06 3.71
H32 GOL D . -8.55 2.46 4.20
HO3 GOL D . -8.42 4.34 2.85
S SO4 E . -22.88 -17.15 -24.11
O1 SO4 E . -23.55 -17.69 -25.29
O2 SO4 E . -22.42 -18.25 -23.27
O3 SO4 E . -23.85 -16.35 -23.37
O4 SO4 E . -21.74 -16.31 -24.48
S SO4 F . -6.98 7.00 -22.64
O1 SO4 F . -5.73 6.24 -22.58
O2 SO4 F . -8.09 6.13 -22.24
O3 SO4 F . -7.20 7.45 -24.02
O4 SO4 F . -6.92 8.15 -21.75
C1 TNL G . -29.89 -6.42 -5.69
C7 TNL G . -31.01 -6.09 -4.74
C2 TNL G . -29.79 -7.66 -6.30
N2 TNL G . -30.75 -8.71 -6.07
O21 TNL G . -31.07 -9.49 -7.06
O22 TNL G . -31.27 -8.89 -4.98
C3 TNL G . -28.75 -7.91 -7.18
C4 TNL G . -27.80 -6.94 -7.46
N4 TNL G . -26.73 -7.20 -8.36
O41 TNL G . -25.52 -6.78 -8.13
O42 TNL G . -26.96 -7.88 -9.35
C5 TNL G . -27.90 -5.69 -6.87
C6 TNL G . -28.95 -5.44 -5.99
N6 TNL G . -28.98 -4.14 -5.42
O61 TNL G . -30.10 -3.48 -5.30
O62 TNL G . -27.93 -3.66 -5.08
H7C1 TNL G . -31.81 -5.90 -5.25
H7C2 TNL G . -31.17 -6.86 -4.17
H7C3 TNL G . -30.76 -5.32 -4.20
H3 TNL G . -28.67 -8.78 -7.61
H5 TNL G . -27.25 -5.01 -7.06
N1 FMN H . 21.73 5.26 3.41
C2 FMN H . 21.19 5.45 4.67
O2 FMN H . 21.73 4.96 5.64
N3 FMN H . 20.02 6.17 4.82
C4 FMN H . 19.39 6.74 3.74
O4 FMN H . 18.36 7.38 3.89
C4A FMN H . 19.95 6.56 2.48
N5 FMN H . 19.34 7.10 1.36
C5A FMN H . 19.85 6.91 0.12
C6 FMN H . 19.21 7.47 -0.98
C7 FMN H . 19.69 7.28 -2.25
C7M FMN H . 18.96 7.90 -3.42
C8 FMN H . 20.86 6.54 -2.43
C8M FMN H . 21.38 6.37 -3.85
C9 FMN H . 21.51 5.99 -1.33
C9A FMN H . 21.00 6.16 -0.06
N10 FMN H . 21.63 5.64 1.07
C10 FMN H . 21.10 5.81 2.32
C1' FMN H . 22.86 4.79 0.94
C2' FMN H . 22.35 3.39 0.62
O2' FMN H . 21.67 2.85 1.75
C3' FMN H . 23.49 2.44 0.20
O3' FMN H . 24.47 2.40 1.21
C4' FMN H . 24.15 2.84 -1.10
O4' FMN H . 23.18 3.10 -2.11
C5' FMN H . 25.13 1.79 -1.62
O5' FMN H . 24.49 0.54 -1.80
P FMN H . 24.08 0.08 -3.29
O1P FMN H . 23.08 1.06 -3.83
O2P FMN H . 23.50 -1.33 -3.26
O3P FMN H . 25.33 0.13 -4.12
H6 FMN H . 18.31 8.06 -0.82
HM71 FMN H . 19.48 7.65 -4.35
HM72 FMN H . 18.91 8.98 -3.30
HM73 FMN H . 17.94 7.51 -3.46
HM81 FMN H . 22.29 5.78 -3.83
HM82 FMN H . 20.62 5.86 -4.46
HM83 FMN H . 21.59 7.35 -4.28
H9 FMN H . 22.43 5.41 -1.49
S SO4 I . -0.25 -5.17 11.77
O1 SO4 I . 0.31 -6.52 11.67
O2 SO4 I . -0.39 -4.79 13.17
O3 SO4 I . -1.57 -5.14 11.12
O4 SO4 I . 0.65 -4.24 11.09
C1 TNL J . 23.43 10.69 1.23
C7 TNL J . 23.73 11.52 0.03
C2 TNL J . 24.46 10.05 1.92
N2 TNL J . 25.85 10.10 1.53
O21 TNL J . 26.65 10.98 2.02
O22 TNL J . 26.29 9.28 0.74
C3 TNL J . 24.19 9.29 3.03
C4 TNL J . 22.89 9.16 3.44
N4 TNL J . 22.60 8.42 4.59
O41 TNL J . 21.46 7.84 4.67
O42 TNL J . 23.39 8.38 5.51
C5 TNL J . 21.85 9.80 2.82
C6 TNL J . 22.11 10.56 1.69
N6 TNL J . 20.98 11.17 1.07
O61 TNL J . 20.05 11.72 1.80
O62 TNL J . 20.87 11.14 -0.14
H7C1 TNL J . 22.94 11.59 -0.52
H7C2 TNL J . 24.01 12.41 0.31
H7C3 TNL J . 24.44 11.09 -0.49
H3 TNL J . 24.90 8.85 3.50
H5 TNL J . 20.94 9.70 3.14
#